data_1V8C
#
_entry.id   1V8C
#
_cell.length_a   80.179
_cell.length_b   83.553
_cell.length_c   93.066
_cell.angle_alpha   90.00
_cell.angle_beta   90.00
_cell.angle_gamma   90.00
#
_symmetry.space_group_name_H-M   'P 21 21 21'
#
loop_
_entity.id
_entity.type
_entity.pdbx_description
1 polymer 'MoaD related protein'
2 non-polymer 'CHLORIDE ION'
3 non-polymer 1,2-ETHANEDIOL
4 water water
#
_entity_poly.entity_id   1
_entity_poly.type   'polypeptide(L)'
_entity_poly.pdbx_seq_one_letter_code
;PKVNLYATFRDLTGKSQLELPGATVGEVLENLVRAYPALKEELFEGEGLAERVSVFLEGRDVRYLQGLSTPLSPGATLDL
FPPVAGGGFERTFGAFPPWLLERYLEEWGGTREGEGVYRLPGAVVRFREVEPLKVGSLSIPQLRVEVEGEEAERWFERIA
FAASRGGG
;
_entity_poly.pdbx_strand_id   A,B,C,D
#
# COMPACT_ATOMS: atom_id res chain seq x y z
N PRO A 1 6.06 -2.73 -15.82
CA PRO A 1 7.12 -1.85 -15.27
C PRO A 1 8.28 -1.65 -16.24
N LYS A 2 9.02 -0.55 -16.06
CA LYS A 2 10.16 -0.26 -16.92
C LYS A 2 11.42 -0.80 -16.28
N VAL A 3 12.29 -1.38 -17.10
CA VAL A 3 13.53 -1.93 -16.62
C VAL A 3 14.68 -1.27 -17.35
N ASN A 4 15.54 -0.59 -16.60
CA ASN A 4 16.71 0.07 -17.17
C ASN A 4 17.90 -0.86 -16.97
N LEU A 5 18.64 -1.12 -18.04
CA LEU A 5 19.80 -2.00 -17.97
C LEU A 5 21.07 -1.18 -18.07
N TYR A 6 22.04 -1.50 -17.22
CA TYR A 6 23.31 -0.77 -17.22
C TYR A 6 24.53 -1.64 -17.44
N ALA A 7 25.59 -1.00 -17.90
CA ALA A 7 26.86 -1.67 -18.16
C ALA A 7 26.72 -2.99 -18.91
N THR A 8 27.30 -4.04 -18.33
CA THR A 8 27.27 -5.38 -18.90
C THR A 8 25.92 -5.84 -19.43
N PHE A 9 24.86 -5.59 -18.66
CA PHE A 9 23.52 -6.00 -19.08
C PHE A 9 23.11 -5.30 -20.35
N ARG A 10 23.53 -4.07 -20.52
CA ARG A 10 23.21 -3.30 -21.71
C ARG A 10 23.99 -3.83 -22.91
N ASP A 11 25.26 -4.10 -22.71
CA ASP A 11 26.11 -4.61 -23.79
C ASP A 11 25.71 -6.01 -24.23
N LEU A 12 25.18 -6.79 -23.30
CA LEU A 12 24.78 -8.17 -23.56
C LEU A 12 23.42 -8.30 -24.25
N THR A 13 22.61 -7.25 -24.22
CA THR A 13 21.29 -7.30 -24.83
C THR A 13 21.09 -6.33 -25.98
N GLY A 14 21.85 -5.24 -25.97
CA GLY A 14 21.70 -4.22 -27.00
C GLY A 14 20.54 -3.32 -26.62
N LYS A 15 20.10 -3.43 -25.36
CA LYS A 15 18.97 -2.63 -24.90
C LYS A 15 19.28 -1.84 -23.64
N SER A 16 18.77 -0.62 -23.57
CA SER A 16 18.96 0.24 -22.41
C SER A 16 17.70 0.22 -21.54
N GLN A 17 16.53 0.15 -22.17
CA GLN A 17 15.29 0.10 -21.41
C GLN A 17 14.27 -0.83 -22.05
N LEU A 18 13.49 -1.49 -21.19
CA LEU A 18 12.48 -2.43 -21.64
C LEU A 18 11.24 -2.26 -20.77
N GLU A 19 10.08 -2.58 -21.33
CA GLU A 19 8.83 -2.53 -20.60
C GLU A 19 8.42 -3.99 -20.46
N LEU A 20 8.28 -4.47 -19.23
CA LEU A 20 7.93 -5.87 -18.98
C LEU A 20 6.84 -5.96 -17.92
N PRO A 21 5.92 -6.92 -18.08
CA PRO A 21 4.84 -7.08 -17.10
C PRO A 21 5.30 -7.70 -15.78
N GLY A 22 4.51 -7.51 -14.73
CA GLY A 22 4.85 -8.08 -13.44
C GLY A 22 4.39 -7.19 -12.31
N ALA A 23 3.83 -7.81 -11.26
CA ALA A 23 3.33 -7.10 -10.09
C ALA A 23 4.30 -7.10 -8.92
N THR A 24 5.43 -7.79 -9.08
CA THR A 24 6.48 -7.81 -8.06
C THR A 24 7.80 -7.76 -8.80
N VAL A 25 8.86 -7.37 -8.08
CA VAL A 25 10.17 -7.30 -8.70
C VAL A 25 10.54 -8.65 -9.31
N GLY A 26 10.26 -9.73 -8.58
CA GLY A 26 10.56 -11.06 -9.07
C GLY A 26 9.86 -11.39 -10.37
N GLU A 27 8.57 -11.07 -10.46
CA GLU A 27 7.81 -11.36 -11.67
C GLU A 27 8.42 -10.62 -12.86
N VAL A 28 8.79 -9.36 -12.65
CA VAL A 28 9.39 -8.57 -13.71
C VAL A 28 10.73 -9.17 -14.15
N LEU A 29 11.57 -9.55 -13.18
CA LEU A 29 12.86 -10.12 -13.51
C LEU A 29 12.74 -11.49 -14.19
N GLU A 30 11.74 -12.29 -13.81
CA GLU A 30 11.55 -13.58 -14.45
C GLU A 30 11.17 -13.32 -15.90
N ASN A 31 10.35 -12.30 -16.14
CA ASN A 31 9.99 -11.99 -17.52
C ASN A 31 11.18 -11.44 -18.30
N LEU A 32 12.06 -10.72 -17.62
CA LEU A 32 13.24 -10.18 -18.28
C LEU A 32 14.09 -11.30 -18.87
N VAL A 33 14.29 -12.37 -18.11
CA VAL A 33 15.11 -13.48 -18.60
C VAL A 33 14.37 -14.36 -19.61
N ARG A 34 13.04 -14.26 -19.62
CA ARG A 34 12.26 -15.01 -20.59
C ARG A 34 12.41 -14.26 -21.92
N ALA A 35 12.63 -12.95 -21.83
CA ALA A 35 12.79 -12.10 -23.01
C ALA A 35 14.24 -12.08 -23.50
N TYR A 36 15.17 -12.05 -22.57
CA TYR A 36 16.61 -12.03 -22.87
C TYR A 36 17.33 -13.02 -21.98
N PRO A 37 17.25 -14.30 -22.34
CA PRO A 37 17.90 -15.37 -21.56
C PRO A 37 19.40 -15.23 -21.34
N ALA A 38 20.07 -14.40 -22.15
CA ALA A 38 21.49 -14.17 -22.02
C ALA A 38 21.80 -13.57 -20.65
N LEU A 39 20.79 -12.94 -20.03
CA LEU A 39 20.97 -12.32 -18.72
C LEU A 39 20.73 -13.27 -17.54
N LYS A 40 20.19 -14.46 -17.82
CA LYS A 40 19.90 -15.40 -16.74
C LYS A 40 21.10 -15.74 -15.86
N GLU A 41 22.21 -16.07 -16.51
CA GLU A 41 23.45 -16.45 -15.84
C GLU A 41 23.99 -15.38 -14.90
N GLU A 42 23.79 -14.11 -15.27
CA GLU A 42 24.29 -13.00 -14.46
C GLU A 42 23.29 -12.48 -13.43
N LEU A 43 22.01 -12.63 -13.72
CA LEU A 43 20.96 -12.13 -12.85
C LEU A 43 20.55 -13.05 -11.70
N PHE A 44 20.45 -14.35 -11.99
CA PHE A 44 20.05 -15.33 -11.00
C PHE A 44 21.15 -16.33 -10.63
N GLU A 45 21.18 -16.71 -9.36
CA GLU A 45 22.13 -17.70 -8.86
C GLU A 45 21.21 -18.69 -8.17
N GLY A 46 20.83 -19.74 -8.88
CA GLY A 46 19.89 -20.68 -8.31
C GLY A 46 18.54 -20.02 -8.49
N GLU A 47 17.68 -20.13 -7.48
CA GLU A 47 16.35 -19.51 -7.59
C GLU A 47 16.37 -18.02 -7.32
N GLY A 48 17.20 -17.59 -6.38
CA GLY A 48 17.25 -16.18 -6.03
C GLY A 48 18.16 -15.29 -6.86
N LEU A 49 18.15 -14.01 -6.52
CA LEU A 49 18.97 -13.02 -7.20
C LEU A 49 20.45 -13.33 -6.95
N ALA A 50 21.29 -13.13 -7.97
CA ALA A 50 22.73 -13.35 -7.82
C ALA A 50 23.22 -12.34 -6.77
N GLU A 51 24.13 -12.75 -5.90
CA GLU A 51 24.60 -11.86 -4.85
C GLU A 51 25.31 -10.58 -5.27
N ARG A 52 25.99 -10.61 -6.41
CA ARG A 52 26.72 -9.44 -6.87
C ARG A 52 25.92 -8.44 -7.72
N VAL A 53 24.67 -8.78 -8.03
CA VAL A 53 23.86 -7.86 -8.83
C VAL A 53 23.10 -6.89 -7.93
N SER A 54 22.81 -5.70 -8.45
CA SER A 54 22.06 -4.74 -7.65
C SER A 54 20.84 -4.31 -8.46
N VAL A 55 19.69 -4.35 -7.81
CA VAL A 55 18.42 -3.97 -8.41
C VAL A 55 17.80 -2.86 -7.57
N PHE A 56 17.44 -1.75 -8.19
CA PHE A 56 16.85 -0.63 -7.48
C PHE A 56 15.46 -0.30 -7.98
N LEU A 57 14.56 -0.02 -7.04
CA LEU A 57 13.19 0.36 -7.37
C LEU A 57 13.09 1.82 -6.98
N GLU A 58 12.91 2.67 -7.99
CA GLU A 58 12.82 4.12 -7.77
C GLU A 58 13.94 4.59 -6.85
N GLY A 59 15.17 4.14 -7.13
CA GLY A 59 16.32 4.54 -6.34
C GLY A 59 16.61 3.80 -5.06
N ARG A 60 15.76 2.83 -4.73
CA ARG A 60 15.90 2.05 -3.50
C ARG A 60 16.38 0.62 -3.77
N ASP A 61 17.49 0.23 -3.16
CA ASP A 61 18.01 -1.13 -3.33
C ASP A 61 16.93 -2.08 -2.83
N VAL A 62 16.42 -2.93 -3.71
CA VAL A 62 15.27 -3.75 -3.31
C VAL A 62 15.62 -4.73 -2.18
N ARG A 63 16.93 -5.01 -2.02
CA ARG A 63 17.34 -5.93 -0.96
C ARG A 63 16.90 -5.41 0.41
N TYR A 64 16.79 -4.08 0.52
CA TYR A 64 16.37 -3.48 1.77
C TYR A 64 14.86 -3.23 1.79
N LEU A 65 14.23 -3.58 0.66
CA LEU A 65 12.78 -3.60 0.63
C LEU A 65 12.25 -4.99 0.94
N GLN A 66 11.63 -5.65 -0.02
CA GLN A 66 11.19 -7.04 0.16
C GLN A 66 11.77 -7.91 -0.94
N GLY A 67 12.97 -7.48 -1.43
CA GLY A 67 13.66 -8.26 -2.44
C GLY A 67 12.79 -8.56 -3.64
N LEU A 68 12.85 -9.79 -4.12
CA LEU A 68 12.05 -10.23 -5.27
C LEU A 68 10.54 -10.18 -4.96
N SER A 69 10.17 -10.15 -3.69
CA SER A 69 8.74 -10.09 -3.33
C SER A 69 8.19 -8.65 -3.27
N THR A 70 9.05 -7.66 -3.53
CA THR A 70 8.63 -6.27 -3.47
C THR A 70 7.54 -5.98 -4.50
N PRO A 71 6.37 -5.52 -4.04
CA PRO A 71 5.31 -5.23 -5.00
C PRO A 71 5.65 -3.95 -5.76
N LEU A 72 5.15 -3.83 -6.97
CA LEU A 72 5.39 -2.62 -7.73
C LEU A 72 4.20 -2.30 -8.60
N SER A 73 4.02 -1.02 -8.87
CA SER A 73 2.93 -0.55 -9.69
C SER A 73 3.33 -0.71 -11.15
N PRO A 74 2.34 -0.78 -12.05
CA PRO A 74 2.58 -0.94 -13.49
C PRO A 74 3.57 0.05 -14.10
N GLY A 75 3.55 1.28 -13.60
CA GLY A 75 4.45 2.29 -14.12
C GLY A 75 5.79 2.42 -13.43
N ALA A 76 6.07 1.51 -12.50
CA ALA A 76 7.32 1.54 -11.75
C ALA A 76 8.53 1.34 -12.64
N THR A 77 9.67 1.87 -12.20
CA THR A 77 10.92 1.75 -12.92
C THR A 77 11.96 1.07 -12.04
N LEU A 78 12.65 0.08 -12.61
CA LEU A 78 13.71 -0.63 -11.91
C LEU A 78 15.01 -0.40 -12.65
N ASP A 79 16.10 -0.26 -11.90
CA ASP A 79 17.43 -0.09 -12.48
C ASP A 79 18.22 -1.35 -12.13
N LEU A 80 18.82 -1.97 -13.14
CA LEU A 80 19.59 -3.20 -12.92
C LEU A 80 21.06 -3.00 -13.21
N PHE A 81 21.91 -3.35 -12.24
CA PHE A 81 23.36 -3.21 -12.39
C PHE A 81 24.11 -4.51 -12.17
N PRO A 82 25.10 -4.81 -13.00
CA PRO A 82 25.87 -6.03 -12.81
C PRO A 82 26.85 -5.69 -11.68
N PRO A 83 27.72 -6.64 -11.26
CA PRO A 83 28.68 -6.37 -10.19
C PRO A 83 29.27 -4.95 -10.17
N VAL A 84 29.21 -4.31 -9.00
CA VAL A 84 29.71 -2.96 -8.82
C VAL A 84 31.12 -2.72 -9.36
N ALA A 85 31.31 -1.56 -9.97
CA ALA A 85 32.59 -1.17 -10.55
C ALA A 85 32.55 0.31 -10.87
N GLY A 86 33.71 0.94 -11.00
CA GLY A 86 33.75 2.36 -11.33
C GLY A 86 33.18 2.57 -12.71
N GLY A 87 32.40 3.63 -12.89
CA GLY A 87 31.81 3.89 -14.19
C GLY A 87 31.10 5.22 -14.30
N GLY A 88 30.27 5.36 -15.33
CA GLY A 88 29.52 6.57 -15.56
C GLY A 88 28.11 6.25 -15.99
N PHE A 89 27.14 6.90 -15.35
CA PHE A 89 25.73 6.67 -15.65
C PHE A 89 25.04 8.02 -15.80
N GLU A 90 23.97 8.06 -16.60
CA GLU A 90 23.24 9.30 -16.79
C GLU A 90 21.75 9.08 -16.86
N ARG A 91 21.01 10.14 -16.54
CA ARG A 91 19.55 10.10 -16.57
C ARG A 91 19.00 11.51 -16.62
N THR A 92 17.88 11.69 -17.32
CA THR A 92 17.24 12.99 -17.38
C THR A 92 15.98 12.92 -16.52
N PHE A 93 15.91 13.82 -15.54
CA PHE A 93 14.79 13.88 -14.60
C PHE A 93 13.82 15.01 -14.93
N GLY A 94 12.53 14.71 -14.89
CA GLY A 94 11.52 15.73 -15.16
C GLY A 94 11.13 16.48 -13.91
N ALA A 95 11.06 17.80 -14.00
CA ALA A 95 10.67 18.64 -12.86
C ALA A 95 11.50 18.41 -11.59
N PHE A 96 12.80 18.20 -11.78
CA PHE A 96 13.73 18.02 -10.67
C PHE A 96 14.65 19.22 -10.88
N PRO A 97 14.32 20.36 -10.26
CA PRO A 97 15.11 21.59 -10.39
C PRO A 97 16.55 21.53 -9.88
N PRO A 98 17.47 22.22 -10.56
CA PRO A 98 18.88 22.25 -10.17
C PRO A 98 19.06 22.61 -8.70
N TRP A 99 18.37 23.67 -8.27
CA TRP A 99 18.49 24.11 -6.88
C TRP A 99 18.14 23.00 -5.89
N LEU A 100 17.17 22.18 -6.24
CA LEU A 100 16.75 21.09 -5.36
C LEU A 100 17.80 19.98 -5.34
N LEU A 101 18.34 19.63 -6.51
CA LEU A 101 19.36 18.61 -6.56
C LEU A 101 20.56 19.12 -5.77
N GLU A 102 20.87 20.40 -5.93
CA GLU A 102 21.98 21.02 -5.22
C GLU A 102 21.80 20.87 -3.71
N ARG A 103 20.61 21.16 -3.23
CA ARG A 103 20.32 21.05 -1.80
C ARG A 103 20.62 19.62 -1.34
N TYR A 104 20.18 18.63 -2.10
CA TYR A 104 20.46 17.25 -1.74
C TYR A 104 21.95 16.97 -1.73
N LEU A 105 22.64 17.38 -2.79
CA LEU A 105 24.08 17.18 -2.88
C LEU A 105 24.78 17.85 -1.70
N GLU A 106 24.35 19.06 -1.36
CA GLU A 106 24.93 19.80 -0.24
C GLU A 106 24.68 19.05 1.07
N GLU A 107 23.49 18.50 1.21
CA GLU A 107 23.13 17.77 2.42
C GLU A 107 23.85 16.43 2.54
N TRP A 108 24.39 15.95 1.42
CA TRP A 108 25.12 14.69 1.44
C TRP A 108 26.61 14.96 1.62
N GLY A 109 26.97 16.23 1.77
CA GLY A 109 28.36 16.59 1.95
C GLY A 109 29.13 16.85 0.67
N GLY A 110 28.40 16.98 -0.44
CA GLY A 110 29.04 17.23 -1.72
C GLY A 110 29.67 18.60 -1.79
N THR A 111 30.79 18.70 -2.51
CA THR A 111 31.51 19.96 -2.66
C THR A 111 31.30 20.53 -4.06
N ARG A 112 30.89 21.79 -4.14
CA ARG A 112 30.69 22.43 -5.43
C ARG A 112 32.04 22.70 -6.10
N GLU A 113 32.19 22.24 -7.34
CA GLU A 113 33.42 22.45 -8.08
C GLU A 113 33.16 23.21 -9.37
N GLY A 114 31.97 23.79 -9.46
CA GLY A 114 31.59 24.56 -10.63
C GLY A 114 30.07 24.64 -10.71
N GLU A 115 29.55 25.40 -11.66
CA GLU A 115 28.12 25.50 -11.79
C GLU A 115 27.65 24.16 -12.37
N GLY A 116 26.90 23.42 -11.57
CA GLY A 116 26.41 22.13 -12.03
C GLY A 116 27.42 21.02 -11.88
N VAL A 117 28.34 21.16 -10.94
CA VAL A 117 29.37 20.14 -10.70
C VAL A 117 29.62 19.98 -9.21
N TYR A 118 29.42 18.79 -8.69
CA TYR A 118 29.64 18.52 -7.27
C TYR A 118 30.45 17.25 -7.08
N ARG A 119 31.36 17.28 -6.12
CA ARG A 119 32.18 16.10 -5.84
C ARG A 119 31.68 15.46 -4.56
N LEU A 120 31.45 14.15 -4.62
CA LEU A 120 30.98 13.37 -3.50
C LEU A 120 32.01 12.28 -3.23
N PRO A 121 31.88 11.57 -2.10
CA PRO A 121 32.84 10.52 -1.83
C PRO A 121 32.76 9.42 -2.89
N GLY A 122 33.79 9.34 -3.73
CA GLY A 122 33.83 8.33 -4.77
C GLY A 122 33.10 8.68 -6.06
N ALA A 123 32.66 9.92 -6.22
CA ALA A 123 31.95 10.27 -7.46
C ALA A 123 31.85 11.77 -7.72
N VAL A 124 31.63 12.11 -8.98
CA VAL A 124 31.43 13.49 -9.37
C VAL A 124 30.10 13.52 -10.09
N VAL A 125 29.25 14.48 -9.70
CA VAL A 125 27.93 14.63 -10.27
C VAL A 125 27.90 15.91 -11.10
N ARG A 126 27.51 15.76 -12.37
CA ARG A 126 27.41 16.90 -13.28
C ARG A 126 25.99 16.99 -13.78
N PHE A 127 25.43 18.20 -13.76
CA PHE A 127 24.05 18.37 -14.21
C PHE A 127 23.79 19.70 -14.90
N ARG A 128 22.87 19.67 -15.87
CA ARG A 128 22.50 20.86 -16.61
C ARG A 128 21.08 20.69 -17.12
N GLU A 129 20.32 21.78 -17.13
CA GLU A 129 18.95 21.73 -17.63
C GLU A 129 18.99 21.63 -19.14
N VAL A 130 18.18 20.75 -19.70
CA VAL A 130 18.10 20.59 -21.14
C VAL A 130 16.72 21.11 -21.57
N GLU A 131 16.24 20.68 -22.73
CA GLU A 131 14.95 21.16 -23.22
C GLU A 131 13.76 20.71 -22.38
N PRO A 132 12.94 21.66 -21.91
CA PRO A 132 11.77 21.28 -21.10
C PRO A 132 10.81 20.46 -21.95
N LEU A 133 10.00 19.61 -21.32
CA LEU A 133 9.03 18.83 -22.04
C LEU A 133 7.74 19.63 -22.00
N LYS A 134 6.95 19.55 -23.07
CA LYS A 134 5.71 20.30 -23.11
C LYS A 134 4.50 19.37 -23.08
N VAL A 135 3.69 19.54 -22.03
CA VAL A 135 2.46 18.75 -21.88
C VAL A 135 1.35 19.79 -21.85
N GLY A 136 0.68 19.96 -23.00
CA GLY A 136 -0.37 20.95 -23.07
C GLY A 136 0.24 22.32 -22.89
N SER A 137 -0.26 23.08 -21.93
CA SER A 137 0.26 24.42 -21.67
C SER A 137 1.24 24.41 -20.50
N LEU A 138 1.75 23.24 -20.16
CA LEU A 138 2.69 23.09 -19.07
C LEU A 138 4.08 22.71 -19.57
N SER A 139 5.07 23.54 -19.24
CA SER A 139 6.45 23.26 -19.64
C SER A 139 7.08 22.57 -18.43
N ILE A 140 7.51 21.34 -18.62
CA ILE A 140 8.13 20.58 -17.54
C ILE A 140 9.65 20.55 -17.73
N PRO A 141 10.38 21.28 -16.85
CA PRO A 141 11.84 21.32 -16.96
C PRO A 141 12.42 19.90 -16.95
N GLN A 142 13.55 19.72 -17.63
CA GLN A 142 14.20 18.42 -17.71
C GLN A 142 15.67 18.60 -17.31
N LEU A 143 16.12 17.82 -16.34
CA LEU A 143 17.49 17.93 -15.86
C LEU A 143 18.37 16.73 -16.22
N ARG A 144 19.41 16.95 -17.01
CA ARG A 144 20.32 15.87 -17.38
C ARG A 144 21.32 15.72 -16.25
N VAL A 145 21.43 14.52 -15.69
CA VAL A 145 22.36 14.26 -14.60
C VAL A 145 23.34 13.14 -14.96
N GLU A 146 24.63 13.41 -14.79
CA GLU A 146 25.66 12.42 -15.08
C GLU A 146 26.45 12.17 -13.80
N VAL A 147 26.73 10.90 -13.50
CA VAL A 147 27.49 10.57 -12.29
C VAL A 147 28.59 9.60 -12.69
N GLU A 148 29.83 9.93 -12.33
CA GLU A 148 30.92 9.03 -12.66
C GLU A 148 31.89 8.87 -11.49
N GLY A 149 32.56 7.73 -11.44
CA GLY A 149 33.50 7.48 -10.37
C GLY A 149 33.36 6.07 -9.82
N GLU A 150 34.23 5.74 -8.86
CA GLU A 150 34.19 4.42 -8.25
C GLU A 150 32.83 4.11 -7.63
N GLU A 151 32.20 5.11 -7.03
CA GLU A 151 30.91 4.91 -6.40
C GLU A 151 29.76 5.56 -7.17
N ALA A 152 29.89 5.60 -8.49
CA ALA A 152 28.87 6.21 -9.34
C ALA A 152 27.50 5.55 -9.18
N GLU A 153 27.47 4.23 -9.06
CA GLU A 153 26.19 3.52 -8.92
C GLU A 153 25.45 3.99 -7.69
N ARG A 154 26.14 4.00 -6.56
CA ARG A 154 25.59 4.42 -5.27
C ARG A 154 24.95 5.80 -5.34
N TRP A 155 25.73 6.78 -5.77
CA TRP A 155 25.22 8.14 -5.82
C TRP A 155 24.18 8.36 -6.91
N PHE A 156 24.30 7.63 -8.01
CA PHE A 156 23.34 7.75 -9.10
C PHE A 156 21.97 7.35 -8.56
N GLU A 157 21.93 6.24 -7.81
CA GLU A 157 20.66 5.79 -7.26
C GLU A 157 20.18 6.69 -6.11
N ARG A 158 21.11 7.24 -5.34
CA ARG A 158 20.73 8.13 -4.26
C ARG A 158 20.00 9.33 -4.88
N ILE A 159 20.47 9.77 -6.04
CA ILE A 159 19.84 10.89 -6.71
C ILE A 159 18.44 10.51 -7.21
N ALA A 160 18.31 9.29 -7.72
CA ALA A 160 17.00 8.82 -8.19
C ALA A 160 16.03 8.75 -7.00
N PHE A 161 16.53 8.30 -5.87
CA PHE A 161 15.74 8.21 -4.64
C PHE A 161 15.28 9.63 -4.28
N ALA A 162 16.22 10.58 -4.27
CA ALA A 162 15.89 11.96 -3.94
C ALA A 162 14.82 12.53 -4.86
N ALA A 163 14.98 12.32 -6.16
CA ALA A 163 14.01 12.82 -7.12
C ALA A 163 12.62 12.24 -6.91
N SER A 164 12.54 11.02 -6.40
CA SER A 164 11.25 10.36 -6.19
C SER A 164 10.43 11.01 -5.08
N ARG A 165 11.06 11.90 -4.33
CA ARG A 165 10.43 12.59 -3.22
C ARG A 165 9.65 13.83 -3.68
N PRO B 1 4.29 10.71 -12.36
CA PRO B 1 3.16 9.76 -12.40
C PRO B 1 2.38 9.82 -13.71
N LYS B 2 1.66 8.74 -14.01
CA LYS B 2 0.87 8.66 -15.22
C LYS B 2 -0.57 8.99 -14.88
N VAL B 3 -1.24 9.71 -15.77
CA VAL B 3 -2.63 10.04 -15.54
C VAL B 3 -3.43 9.58 -16.75
N ASN B 4 -4.38 8.67 -16.53
CA ASN B 4 -5.24 8.19 -17.59
C ASN B 4 -6.50 9.03 -17.56
N LEU B 5 -6.90 9.54 -18.71
CA LEU B 5 -8.07 10.38 -18.81
C LEU B 5 -9.23 9.64 -19.46
N TYR B 6 -10.41 9.74 -18.87
CA TYR B 6 -11.57 9.06 -19.43
C TYR B 6 -12.72 9.98 -19.81
N ALA B 7 -13.55 9.50 -20.73
CA ALA B 7 -14.70 10.26 -21.22
C ALA B 7 -14.35 11.71 -21.53
N THR B 8 -15.11 12.62 -20.92
CA THR B 8 -14.94 14.06 -21.09
C THR B 8 -13.49 14.54 -21.11
N PHE B 9 -12.70 14.08 -20.14
CA PHE B 9 -11.31 14.49 -20.05
C PHE B 9 -10.46 14.03 -21.23
N ARG B 10 -10.80 12.88 -21.80
CA ARG B 10 -10.05 12.35 -22.93
C ARG B 10 -10.33 13.13 -24.22
N ASP B 11 -11.60 13.39 -24.50
CA ASP B 11 -11.98 14.12 -25.70
C ASP B 11 -11.47 15.55 -25.72
N LEU B 12 -11.57 16.23 -24.57
CA LEU B 12 -11.13 17.61 -24.44
C LEU B 12 -9.63 17.78 -24.66
N THR B 13 -8.83 17.03 -23.90
CA THR B 13 -7.38 17.11 -24.01
C THR B 13 -6.90 16.45 -25.30
N GLY B 14 -7.70 15.50 -25.79
CA GLY B 14 -7.34 14.78 -27.00
C GLY B 14 -6.26 13.78 -26.66
N LYS B 15 -6.03 13.60 -25.37
CA LYS B 15 -5.02 12.65 -24.88
C LYS B 15 -5.64 11.60 -23.98
N SER B 16 -5.18 10.35 -24.13
CA SER B 16 -5.68 9.25 -23.32
C SER B 16 -4.85 9.09 -22.04
N GLN B 17 -3.59 9.50 -22.10
CA GLN B 17 -2.70 9.40 -20.95
C GLN B 17 -1.65 10.51 -20.97
N LEU B 18 -1.29 10.98 -19.80
CA LEU B 18 -0.30 12.04 -19.66
C LEU B 18 0.71 11.69 -18.57
N GLU B 19 1.93 12.17 -18.74
CA GLU B 19 3.00 11.97 -17.77
C GLU B 19 3.17 13.33 -17.08
N LEU B 20 2.86 13.37 -15.79
CA LEU B 20 2.95 14.60 -15.01
C LEU B 20 3.69 14.40 -13.70
N PRO B 21 4.46 15.40 -13.26
CA PRO B 21 5.22 15.32 -12.01
C PRO B 21 4.33 15.50 -10.78
N GLY B 22 4.77 15.00 -9.64
CA GLY B 22 3.99 15.12 -8.42
C GLY B 22 4.20 13.97 -7.45
N ALA B 23 4.38 14.28 -6.16
CA ALA B 23 4.59 13.27 -5.14
C ALA B 23 3.31 12.94 -4.35
N THR B 24 2.23 13.65 -4.66
CA THR B 24 0.94 13.43 -4.02
C THR B 24 -0.15 13.63 -5.06
N VAL B 25 -1.34 13.07 -4.82
CA VAL B 25 -2.43 13.21 -5.77
C VAL B 25 -2.70 14.68 -6.07
N GLY B 26 -2.72 15.50 -5.01
CA GLY B 26 -2.97 16.92 -5.19
C GLY B 26 -1.99 17.58 -6.13
N GLU B 27 -0.70 17.31 -5.93
CA GLU B 27 0.34 17.88 -6.77
C GLU B 27 0.17 17.51 -8.25
N VAL B 28 -0.14 16.25 -8.52
CA VAL B 28 -0.34 15.80 -9.89
C VAL B 28 -1.54 16.51 -10.52
N LEU B 29 -2.61 16.66 -9.73
CA LEU B 29 -3.81 17.32 -10.22
C LEU B 29 -3.51 18.79 -10.47
N GLU B 30 -2.66 19.38 -9.63
CA GLU B 30 -2.28 20.77 -9.79
C GLU B 30 -1.57 20.96 -11.11
N ASN B 31 -0.63 20.07 -11.42
CA ASN B 31 0.09 20.18 -12.68
C ASN B 31 -0.81 19.87 -13.87
N LEU B 32 -1.77 18.96 -13.64
CA LEU B 32 -2.75 18.68 -14.68
C LEU B 32 -3.55 19.93 -15.00
N VAL B 33 -4.00 20.63 -13.95
CA VAL B 33 -4.67 21.89 -14.20
C VAL B 33 -3.75 22.87 -14.93
N ARG B 34 -2.46 22.89 -14.55
CA ARG B 34 -1.55 23.78 -15.27
C ARG B 34 -1.48 23.43 -16.77
N ALA B 35 -1.46 22.11 -17.03
CA ALA B 35 -1.35 21.64 -18.42
C ALA B 35 -2.60 21.99 -19.22
N TYR B 36 -3.77 21.79 -18.58
CA TYR B 36 -5.03 22.18 -19.21
C TYR B 36 -5.91 22.96 -18.24
N PRO B 37 -5.74 24.29 -18.14
CA PRO B 37 -6.46 25.19 -17.24
C PRO B 37 -7.99 25.04 -17.22
N ALA B 38 -8.56 24.66 -18.35
CA ALA B 38 -10.01 24.50 -18.44
C ALA B 38 -10.56 23.41 -17.51
N LEU B 39 -9.68 22.70 -16.85
CA LEU B 39 -10.10 21.62 -15.95
C LEU B 39 -10.02 22.02 -14.48
N LYS B 40 -9.56 23.24 -14.21
CA LYS B 40 -9.43 23.73 -12.84
C LYS B 40 -10.68 23.58 -11.99
N GLU B 41 -11.81 24.06 -12.50
CA GLU B 41 -13.07 24.00 -11.76
C GLU B 41 -13.68 22.59 -11.73
N GLU B 42 -13.30 21.77 -12.70
CA GLU B 42 -13.83 20.41 -12.77
C GLU B 42 -13.01 19.42 -11.94
N LEU B 43 -11.98 19.92 -11.27
CA LEU B 43 -11.13 19.07 -10.44
C LEU B 43 -10.91 19.66 -9.05
N PHE B 44 -10.86 20.99 -8.98
CA PHE B 44 -10.64 21.68 -7.71
C PHE B 44 -11.76 22.62 -7.30
N GLU B 45 -11.95 22.74 -6.00
CA GLU B 45 -12.95 23.64 -5.41
C GLU B 45 -12.12 24.53 -4.50
N GLY B 46 -11.34 25.41 -5.13
CA GLY B 46 -10.47 26.30 -4.37
C GLY B 46 -9.18 25.52 -4.18
N GLU B 47 -8.83 25.25 -2.93
CA GLU B 47 -7.63 24.48 -2.63
C GLU B 47 -7.99 23.02 -2.36
N GLY B 48 -9.28 22.73 -2.39
CA GLY B 48 -9.74 21.36 -2.15
C GLY B 48 -10.17 20.63 -3.41
N LEU B 49 -10.39 19.33 -3.27
CA LEU B 49 -10.79 18.48 -4.39
C LEU B 49 -12.27 18.65 -4.74
N ALA B 50 -12.58 18.63 -6.03
CA ALA B 50 -13.97 18.76 -6.48
C ALA B 50 -14.80 17.63 -5.91
N GLU B 51 -16.12 17.72 -6.05
CA GLU B 51 -17.01 16.68 -5.51
C GLU B 51 -17.65 15.79 -6.57
N ARG B 52 -17.66 16.22 -7.81
CA ARG B 52 -18.27 15.44 -8.88
C ARG B 52 -17.27 14.52 -9.60
N VAL B 53 -15.99 14.85 -9.48
CA VAL B 53 -14.93 14.08 -10.13
C VAL B 53 -14.53 12.84 -9.31
N SER B 54 -13.93 11.86 -9.98
CA SER B 54 -13.48 10.65 -9.32
C SER B 54 -12.01 10.40 -9.67
N VAL B 55 -11.20 10.13 -8.66
CA VAL B 55 -9.77 9.88 -8.85
C VAL B 55 -9.38 8.54 -8.24
N PHE B 56 -8.75 7.68 -9.02
CA PHE B 56 -8.34 6.37 -8.54
C PHE B 56 -6.83 6.16 -8.67
N LEU B 57 -6.22 5.61 -7.62
CA LEU B 57 -4.79 5.31 -7.59
C LEU B 57 -4.64 3.79 -7.66
N GLU B 58 -4.11 3.31 -8.79
CA GLU B 58 -3.95 1.88 -9.03
C GLU B 58 -5.27 1.15 -8.71
N GLY B 59 -6.38 1.72 -9.17
CA GLY B 59 -7.69 1.12 -8.96
C GLY B 59 -8.42 1.42 -7.68
N ARG B 60 -7.81 2.21 -6.80
CA ARG B 60 -8.44 2.54 -5.52
C ARG B 60 -8.85 4.00 -5.45
N ASP B 61 -10.12 4.24 -5.11
CA ASP B 61 -10.63 5.61 -4.99
C ASP B 61 -9.86 6.32 -3.87
N VAL B 62 -9.18 7.40 -4.22
CA VAL B 62 -8.38 8.13 -3.25
C VAL B 62 -9.17 8.76 -2.11
N ARG B 63 -10.48 8.90 -2.29
CA ARG B 63 -11.31 9.49 -1.24
C ARG B 63 -11.27 8.60 0.01
N TYR B 64 -11.03 7.32 -0.19
CA TYR B 64 -10.97 6.37 0.93
C TYR B 64 -9.54 6.23 1.44
N LEU B 65 -8.60 6.91 0.79
CA LEU B 65 -7.20 6.89 1.19
C LEU B 65 -6.92 8.20 1.94
N GLN B 66 -6.11 9.07 1.36
CA GLN B 66 -5.82 10.34 2.03
C GLN B 66 -6.17 11.54 1.14
N GLY B 67 -7.08 11.34 0.20
CA GLY B 67 -7.47 12.42 -0.68
C GLY B 67 -6.30 13.02 -1.44
N LEU B 68 -6.22 14.34 -1.46
CA LEU B 68 -5.15 15.03 -2.16
C LEU B 68 -3.79 14.78 -1.49
N SER B 69 -3.82 14.37 -0.24
CA SER B 69 -2.59 14.10 0.50
C SER B 69 -2.03 12.71 0.26
N THR B 70 -2.77 11.89 -0.48
CA THR B 70 -2.31 10.54 -0.79
C THR B 70 -0.95 10.59 -1.48
N PRO B 71 0.07 9.98 -0.85
CA PRO B 71 1.41 9.98 -1.45
C PRO B 71 1.47 9.18 -2.75
N LEU B 72 2.35 9.60 -3.66
CA LEU B 72 2.51 8.95 -4.96
C LEU B 72 3.97 8.70 -5.30
N SER B 73 4.25 7.55 -5.89
CA SER B 73 5.61 7.21 -6.30
C SER B 73 5.69 7.64 -7.77
N PRO B 74 6.91 7.75 -8.31
CA PRO B 74 7.04 8.16 -9.72
C PRO B 74 6.29 7.24 -10.67
N GLY B 75 6.23 5.96 -10.33
CA GLY B 75 5.55 4.99 -11.18
C GLY B 75 4.06 4.85 -10.95
N ALA B 76 3.49 5.74 -10.16
CA ALA B 76 2.07 5.68 -9.88
C ALA B 76 1.20 6.03 -11.10
N THR B 77 0.05 5.40 -11.18
CA THR B 77 -0.89 5.68 -12.26
C THR B 77 -2.23 6.06 -11.64
N LEU B 78 -2.76 7.20 -12.07
CA LEU B 78 -4.04 7.71 -11.59
C LEU B 78 -5.03 7.66 -12.74
N ASP B 79 -6.26 7.28 -12.45
CA ASP B 79 -7.33 7.25 -13.45
C ASP B 79 -8.31 8.34 -13.03
N LEU B 80 -8.59 9.27 -13.93
CA LEU B 80 -9.49 10.37 -13.62
C LEU B 80 -10.77 10.32 -14.45
N PHE B 81 -11.91 10.42 -13.76
CA PHE B 81 -13.20 10.38 -14.44
C PHE B 81 -14.06 11.60 -14.17
N PRO B 82 -14.66 12.16 -15.23
CA PRO B 82 -15.52 13.33 -15.07
C PRO B 82 -16.86 12.81 -14.54
N PRO B 83 -17.82 13.70 -14.25
CA PRO B 83 -19.12 13.24 -13.75
C PRO B 83 -19.87 12.34 -14.74
N GLY B 88 -18.94 3.86 -21.11
CA GLY B 88 -18.08 2.73 -21.41
C GLY B 88 -16.60 3.04 -21.24
N PHE B 89 -15.87 2.10 -20.66
CA PHE B 89 -14.44 2.26 -20.43
C PHE B 89 -13.71 0.97 -20.79
N GLU B 90 -12.48 1.11 -21.27
CA GLU B 90 -11.71 -0.06 -21.63
C GLU B 90 -10.21 0.13 -21.47
N ARG B 91 -9.52 -0.99 -21.31
CA ARG B 91 -8.08 -1.00 -21.16
C ARG B 91 -7.60 -2.36 -21.61
N THR B 92 -6.42 -2.40 -22.19
CA THR B 92 -5.83 -3.66 -22.63
C THR B 92 -4.76 -3.99 -21.60
N PHE B 93 -4.96 -5.10 -20.90
CA PHE B 93 -4.03 -5.53 -19.86
C PHE B 93 -2.96 -6.48 -20.38
N GLY B 94 -1.73 -6.21 -19.99
CA GLY B 94 -0.63 -7.06 -20.41
C GLY B 94 -0.42 -8.18 -19.43
N ALA B 95 -0.46 -9.41 -19.92
CA ALA B 95 -0.25 -10.57 -19.08
C ALA B 95 -1.24 -10.70 -17.92
N PHE B 96 -2.52 -10.45 -18.21
CA PHE B 96 -3.57 -10.58 -17.21
C PHE B 96 -4.40 -11.74 -17.72
N PRO B 97 -4.12 -12.96 -17.23
CA PRO B 97 -4.82 -14.17 -17.65
C PRO B 97 -6.34 -14.15 -17.46
N PRO B 98 -7.07 -14.57 -18.49
CA PRO B 98 -8.55 -14.63 -18.49
C PRO B 98 -9.09 -15.45 -17.32
N TRP B 99 -8.47 -16.60 -17.05
CA TRP B 99 -8.93 -17.46 -15.97
C TRP B 99 -8.84 -16.74 -14.62
N LEU B 100 -7.83 -15.87 -14.48
CA LEU B 100 -7.65 -15.12 -13.24
C LEU B 100 -8.73 -14.05 -13.13
N LEU B 101 -8.94 -13.31 -14.21
CA LEU B 101 -9.95 -12.27 -14.22
C LEU B 101 -11.29 -12.92 -13.90
N GLU B 102 -11.53 -14.07 -14.51
CA GLU B 102 -12.77 -14.80 -14.28
C GLU B 102 -12.93 -15.19 -12.81
N ARG B 103 -11.84 -15.62 -12.17
CA ARG B 103 -11.91 -16.00 -10.76
C ARG B 103 -12.28 -14.79 -9.92
N TYR B 104 -11.75 -13.62 -10.27
CA TYR B 104 -12.06 -12.39 -9.54
C TYR B 104 -13.53 -12.03 -9.76
N LEU B 105 -13.97 -12.05 -11.01
CA LEU B 105 -15.36 -11.70 -11.33
C LEU B 105 -16.36 -12.58 -10.58
N GLU B 106 -16.05 -13.86 -10.46
CA GLU B 106 -16.93 -14.81 -9.77
C GLU B 106 -16.90 -14.53 -8.26
N GLU B 107 -15.70 -14.22 -7.75
CA GLU B 107 -15.54 -13.93 -6.34
C GLU B 107 -16.36 -12.68 -5.98
N TRP B 108 -16.53 -11.80 -6.97
CA TRP B 108 -17.29 -10.57 -6.77
C TRP B 108 -18.78 -10.76 -7.00
N GLY B 109 -19.20 -12.03 -7.14
CA GLY B 109 -20.60 -12.34 -7.37
C GLY B 109 -21.01 -12.26 -8.82
N GLY B 110 -20.02 -12.22 -9.72
CA GLY B 110 -20.31 -12.14 -11.13
C GLY B 110 -20.91 -13.41 -11.71
N THR B 111 -21.67 -13.26 -12.78
CA THR B 111 -22.32 -14.38 -13.45
C THR B 111 -21.84 -14.48 -14.89
N ARG B 112 -21.42 -15.67 -15.30
CA ARG B 112 -20.95 -15.87 -16.67
C ARG B 112 -22.16 -15.94 -17.60
N GLU B 113 -22.29 -14.96 -18.48
CA GLU B 113 -23.41 -14.93 -19.43
C GLU B 113 -23.00 -15.64 -20.71
N GLY B 114 -21.70 -15.73 -20.95
CA GLY B 114 -21.20 -16.38 -22.14
C GLY B 114 -19.68 -16.33 -22.17
N GLU B 115 -19.11 -16.52 -23.36
CA GLU B 115 -17.67 -16.48 -23.52
C GLU B 115 -17.19 -15.03 -23.46
N GLY B 116 -16.35 -14.72 -22.48
CA GLY B 116 -15.83 -13.38 -22.34
C GLY B 116 -16.87 -12.33 -22.02
N VAL B 117 -17.99 -12.75 -21.42
CA VAL B 117 -19.05 -11.83 -21.06
C VAL B 117 -19.61 -12.19 -19.69
N TYR B 118 -19.40 -11.30 -18.72
CA TYR B 118 -19.87 -11.49 -17.36
C TYR B 118 -20.72 -10.31 -16.92
N ARG B 119 -21.70 -10.57 -16.07
CA ARG B 119 -22.58 -9.51 -15.57
C ARG B 119 -22.33 -9.30 -14.08
N LEU B 120 -22.23 -8.03 -13.69
CA LEU B 120 -22.00 -7.65 -12.30
C LEU B 120 -23.09 -6.69 -11.86
N PRO B 121 -23.33 -6.59 -10.55
CA PRO B 121 -24.36 -5.68 -10.05
C PRO B 121 -24.06 -4.25 -10.49
N GLY B 122 -24.59 -3.88 -11.65
CA GLY B 122 -24.38 -2.54 -12.16
C GLY B 122 -23.50 -2.42 -13.39
N ALA B 123 -23.09 -3.55 -13.97
CA ALA B 123 -22.25 -3.50 -15.15
C ALA B 123 -22.06 -4.84 -15.85
N VAL B 124 -21.62 -4.76 -17.10
CA VAL B 124 -21.34 -5.94 -17.91
C VAL B 124 -19.88 -5.86 -18.33
N VAL B 125 -19.13 -6.92 -18.09
CA VAL B 125 -17.73 -6.97 -18.43
C VAL B 125 -17.47 -7.85 -19.65
N ARG B 126 -16.84 -7.27 -20.67
CA ARG B 126 -16.51 -7.99 -21.89
C ARG B 126 -15.00 -8.00 -22.06
N PHE B 127 -14.44 -9.18 -22.30
CA PHE B 127 -13.00 -9.30 -22.46
C PHE B 127 -12.60 -10.33 -23.51
N ARG B 128 -11.51 -10.04 -24.21
CA ARG B 128 -11.00 -10.96 -25.23
C ARG B 128 -9.53 -10.69 -25.50
N GLU B 129 -8.83 -11.75 -25.88
CA GLU B 129 -7.40 -11.67 -26.17
C GLU B 129 -7.21 -11.00 -27.53
N VAL B 130 -6.25 -10.09 -27.60
CA VAL B 130 -5.94 -9.41 -28.85
C VAL B 130 -4.48 -9.70 -29.18
N GLU B 131 -3.97 -9.08 -30.24
CA GLU B 131 -2.60 -9.30 -30.67
C GLU B 131 -1.59 -9.11 -29.53
N PRO B 132 -0.74 -10.12 -29.29
CA PRO B 132 0.25 -10.01 -28.22
C PRO B 132 1.41 -9.10 -28.60
N LEU B 133 2.05 -8.51 -27.60
CA LEU B 133 3.19 -7.64 -27.83
C LEU B 133 4.42 -8.55 -27.82
N LYS B 134 5.54 -8.02 -28.29
CA LYS B 134 6.77 -8.82 -28.33
C LYS B 134 7.95 -8.00 -27.82
N VAL B 135 8.61 -8.54 -26.80
CA VAL B 135 9.79 -7.90 -26.21
C VAL B 135 10.88 -8.95 -26.20
N GLY B 136 11.91 -8.74 -27.01
CA GLY B 136 12.96 -9.74 -27.10
C GLY B 136 12.33 -11.02 -27.58
N SER B 137 12.62 -12.13 -26.90
CA SER B 137 12.06 -13.42 -27.27
C SER B 137 10.72 -13.72 -26.58
N LEU B 138 10.26 -12.77 -25.77
CA LEU B 138 9.01 -12.96 -25.02
C LEU B 138 7.74 -12.39 -25.65
N SER B 139 6.71 -13.23 -25.73
CA SER B 139 5.43 -12.79 -26.26
C SER B 139 4.57 -12.40 -25.05
N ILE B 140 4.06 -11.17 -25.06
CA ILE B 140 3.26 -10.68 -23.95
C ILE B 140 1.77 -10.63 -24.30
N PRO B 141 0.97 -11.52 -23.70
CA PRO B 141 -0.47 -11.55 -23.98
C PRO B 141 -1.13 -10.21 -23.69
N GLN B 142 -2.13 -9.88 -24.49
CA GLN B 142 -2.86 -8.62 -24.36
C GLN B 142 -4.35 -8.91 -24.22
N LEU B 143 -4.90 -8.59 -23.05
CA LEU B 143 -6.33 -8.82 -22.80
C LEU B 143 -7.07 -7.49 -22.83
N ARG B 144 -7.96 -7.34 -23.80
CA ARG B 144 -8.75 -6.13 -23.92
C ARG B 144 -10.01 -6.29 -23.07
N VAL B 145 -10.18 -5.41 -22.10
CA VAL B 145 -11.34 -5.46 -21.21
C VAL B 145 -12.22 -4.23 -21.38
N GLU B 146 -13.51 -4.48 -21.61
CA GLU B 146 -14.50 -3.42 -21.80
C GLU B 146 -15.56 -3.51 -20.71
N VAL B 147 -15.92 -2.38 -20.11
CA VAL B 147 -16.92 -2.38 -19.06
C VAL B 147 -17.99 -1.33 -19.32
N GLU B 148 -19.25 -1.74 -19.20
CA GLU B 148 -20.39 -0.85 -19.43
C GLU B 148 -21.44 -1.04 -18.33
N GLY B 149 -22.22 -0.01 -18.07
CA GLY B 149 -23.25 -0.10 -17.05
C GLY B 149 -23.33 1.10 -16.13
N GLU B 150 -24.27 1.04 -15.18
CA GLU B 150 -24.47 2.13 -14.23
C GLU B 150 -23.27 2.28 -13.30
N GLU B 151 -22.59 1.18 -13.03
CA GLU B 151 -21.42 1.19 -12.17
C GLU B 151 -20.18 0.73 -12.91
N ALA B 152 -20.09 1.08 -14.20
CA ALA B 152 -18.94 0.69 -15.03
C ALA B 152 -17.63 1.23 -14.47
N GLU B 153 -17.62 2.50 -14.10
CA GLU B 153 -16.42 3.15 -13.56
C GLU B 153 -15.86 2.38 -12.36
N ARG B 154 -16.71 2.10 -11.40
CA ARG B 154 -16.33 1.38 -10.18
C ARG B 154 -15.78 -0.02 -10.49
N TRP B 155 -16.47 -0.75 -11.36
CA TRP B 155 -16.05 -2.09 -11.70
C TRP B 155 -14.78 -2.11 -12.55
N PHE B 156 -14.69 -1.17 -13.48
CA PHE B 156 -13.52 -1.04 -14.33
C PHE B 156 -12.30 -0.82 -13.44
N GLU B 157 -12.46 0.04 -12.43
CA GLU B 157 -11.35 0.31 -11.52
C GLU B 157 -11.03 -0.88 -10.62
N ARG B 158 -12.03 -1.65 -10.22
CA ARG B 158 -11.71 -2.80 -9.36
C ARG B 158 -10.93 -3.83 -10.18
N ILE B 159 -11.20 -3.90 -11.48
CA ILE B 159 -10.48 -4.82 -12.36
C ILE B 159 -9.04 -4.31 -12.50
N ALA B 160 -8.86 -2.99 -12.58
CA ALA B 160 -7.52 -2.42 -12.67
C ALA B 160 -6.76 -2.77 -11.39
N PHE B 161 -7.46 -2.69 -10.26
CA PHE B 161 -6.84 -3.03 -8.97
C PHE B 161 -6.42 -4.50 -9.01
N ALA B 162 -7.31 -5.38 -9.44
CA ALA B 162 -7.00 -6.80 -9.49
C ALA B 162 -5.81 -7.15 -10.38
N ALA B 163 -5.72 -6.48 -11.53
CA ALA B 163 -4.65 -6.71 -12.47
C ALA B 163 -3.29 -6.33 -11.87
N SER B 164 -3.26 -5.24 -11.10
CA SER B 164 -2.04 -4.77 -10.48
C SER B 164 -1.62 -5.66 -9.31
N PRO C 1 -3.18 2.36 16.08
CA PRO C 1 -2.19 1.37 15.59
C PRO C 1 -1.51 0.61 16.73
N LYS C 2 -1.00 -0.58 16.41
CA LYS C 2 -0.32 -1.43 17.38
C LYS C 2 1.17 -1.19 17.21
N VAL C 3 1.90 -1.06 18.33
CA VAL C 3 3.33 -0.83 18.26
C VAL C 3 4.07 -1.93 19.02
N ASN C 4 4.99 -2.59 18.33
CA ASN C 4 5.81 -3.63 18.95
C ASN C 4 7.18 -3.01 19.25
N LEU C 5 7.65 -3.21 20.48
CA LEU C 5 8.95 -2.67 20.90
C LEU C 5 9.97 -3.78 21.07
N TYR C 6 11.20 -3.54 20.62
CA TYR C 6 12.26 -4.54 20.73
C TYR C 6 13.49 -4.05 21.47
N ALA C 7 14.27 -5.01 21.94
CA ALA C 7 15.52 -4.75 22.66
C ALA C 7 15.35 -3.75 23.81
N THR C 8 16.22 -2.76 23.86
CA THR C 8 16.18 -1.76 24.92
C THR C 8 14.88 -0.96 25.00
N PHE C 9 14.13 -0.91 23.89
CA PHE C 9 12.86 -0.18 23.90
C PHE C 9 11.87 -0.91 24.79
N ARG C 10 11.99 -2.23 24.82
CA ARG C 10 11.12 -3.07 25.63
C ARG C 10 11.48 -2.89 27.11
N ASP C 11 12.76 -2.63 27.37
CA ASP C 11 13.24 -2.45 28.74
C ASP C 11 12.82 -1.10 29.32
N LEU C 12 12.93 -0.05 28.52
CA LEU C 12 12.57 1.29 28.97
C LEU C 12 11.09 1.43 29.32
N THR C 13 10.25 0.77 28.54
CA THR C 13 8.81 0.85 28.75
C THR C 13 8.24 -0.32 29.56
N GLY C 14 8.94 -1.45 29.55
CA GLY C 14 8.46 -2.62 30.27
C GLY C 14 7.30 -3.22 29.52
N LYS C 15 7.18 -2.86 28.24
CA LYS C 15 6.11 -3.37 27.40
C LYS C 15 6.67 -3.87 26.08
N SER C 16 6.08 -4.94 25.56
CA SER C 16 6.53 -5.49 24.29
C SER C 16 5.62 -4.98 23.19
N GLN C 17 4.43 -4.55 23.59
CA GLN C 17 3.44 -4.04 22.64
C GLN C 17 2.49 -3.03 23.30
N LEU C 18 2.11 -2.01 22.52
CA LEU C 18 1.20 -0.96 22.98
C LEU C 18 0.24 -0.61 21.86
N GLU C 19 -0.89 -0.02 22.22
CA GLU C 19 -1.89 0.42 21.25
C GLU C 19 -1.92 1.94 21.41
N LEU C 20 -1.66 2.65 20.33
CA LEU C 20 -1.63 4.12 20.36
C LEU C 20 -2.33 4.77 19.19
N PRO C 21 -2.91 5.96 19.40
CA PRO C 21 -3.62 6.69 18.35
C PRO C 21 -2.63 7.31 17.37
N GLY C 22 -3.12 7.65 16.17
CA GLY C 22 -2.27 8.27 15.18
C GLY C 22 -2.66 7.87 13.77
N ALA C 23 -2.67 8.84 12.86
CA ALA C 23 -3.02 8.59 11.46
C ALA C 23 -1.78 8.52 10.57
N THR C 24 -0.62 8.82 11.15
CA THR C 24 0.64 8.75 10.43
C THR C 24 1.67 8.16 11.38
N VAL C 25 2.78 7.71 10.84
CA VAL C 25 3.84 7.13 11.66
C VAL C 25 4.29 8.14 12.69
N GLY C 26 4.52 9.39 12.25
CA GLY C 26 4.95 10.43 13.15
C GLY C 26 3.98 10.67 14.30
N GLU C 27 2.69 10.71 14.00
CA GLU C 27 1.69 10.91 15.04
C GLU C 27 1.74 9.82 16.09
N VAL C 28 1.86 8.57 15.64
CA VAL C 28 1.93 7.45 16.57
C VAL C 28 3.19 7.53 17.43
N LEU C 29 4.33 7.84 16.81
CA LEU C 29 5.58 7.93 17.54
C LEU C 29 5.59 9.08 18.53
N GLU C 30 4.93 10.18 18.18
CA GLU C 30 4.86 11.33 19.09
C GLU C 30 4.04 10.91 20.31
N ASN C 31 3.00 10.12 20.09
CA ASN C 31 2.19 9.66 21.22
C ASN C 31 2.98 8.67 22.06
N LEU C 32 3.84 7.88 21.41
CA LEU C 32 4.66 6.92 22.14
C LEU C 32 5.60 7.64 23.09
N VAL C 33 6.19 8.75 22.65
CA VAL C 33 7.11 9.51 23.47
C VAL C 33 6.38 10.23 24.61
N ARG C 34 5.11 10.56 24.39
CA ARG C 34 4.31 11.19 25.44
C ARG C 34 4.03 10.14 26.51
N ALA C 35 3.82 8.90 26.08
CA ALA C 35 3.54 7.81 27.00
C ALA C 35 4.80 7.40 27.77
N TYR C 36 5.92 7.39 27.07
CA TYR C 36 7.21 7.03 27.67
C TYR C 36 8.27 8.04 27.23
N PRO C 37 8.37 9.16 27.96
CA PRO C 37 9.32 10.24 27.68
C PRO C 37 10.76 9.78 27.53
N ALA C 38 11.10 8.68 28.21
CA ALA C 38 12.45 8.13 28.15
C ALA C 38 12.86 7.78 26.72
N LEU C 39 11.87 7.56 25.86
CA LEU C 39 12.13 7.21 24.46
C LEU C 39 12.35 8.39 23.53
N LYS C 40 12.09 9.60 24.03
CA LYS C 40 12.23 10.81 23.22
C LYS C 40 13.47 10.87 22.33
N GLU C 41 14.65 10.91 22.94
CA GLU C 41 15.87 11.00 22.15
C GLU C 41 16.34 9.68 21.55
N GLU C 42 15.58 8.63 21.78
CA GLU C 42 15.90 7.32 21.24
C GLU C 42 15.20 7.17 19.89
N LEU C 43 14.06 7.86 19.76
CA LEU C 43 13.27 7.81 18.54
C LEU C 43 13.42 9.04 17.66
N PHE C 44 13.59 10.20 18.28
CA PHE C 44 13.71 11.45 17.55
C PHE C 44 15.04 12.17 17.67
N GLU C 45 15.32 12.99 16.66
CA GLU C 45 16.50 13.83 16.58
C GLU C 45 15.94 15.10 15.97
N GLY C 46 15.48 16.01 16.83
CA GLY C 46 14.88 17.23 16.34
C GLY C 46 13.45 16.88 15.98
N GLU C 47 13.04 17.20 14.75
CA GLU C 47 11.69 16.89 14.30
C GLU C 47 11.69 15.61 13.48
N GLY C 48 12.88 15.04 13.25
CA GLY C 48 12.98 13.82 12.47
C GLY C 48 13.34 12.58 13.28
N LEU C 49 13.47 11.45 12.59
CA LEU C 49 13.82 10.18 13.22
C LEU C 49 15.26 10.13 13.67
N ALA C 50 15.51 9.43 14.77
CA ALA C 50 16.86 9.26 15.29
C ALA C 50 17.68 8.57 14.22
N GLU C 51 18.98 8.83 14.20
CA GLU C 51 19.88 8.28 13.21
C GLU C 51 19.85 6.76 12.98
N ARG C 52 20.11 5.99 14.02
CA ARG C 52 20.16 4.54 13.88
C ARG C 52 18.92 3.73 14.25
N VAL C 53 17.79 4.40 14.44
CA VAL C 53 16.56 3.69 14.80
C VAL C 53 15.83 3.17 13.57
N SER C 54 15.23 1.99 13.72
CA SER C 54 14.47 1.39 12.61
C SER C 54 13.00 1.29 12.95
N VAL C 55 12.17 1.76 12.03
CA VAL C 55 10.72 1.74 12.19
C VAL C 55 10.11 1.03 10.99
N PHE C 56 9.38 -0.05 11.23
CA PHE C 56 8.75 -0.82 10.15
C PHE C 56 7.23 -0.81 10.23
N LEU C 57 6.58 -0.52 9.10
CA LEU C 57 5.14 -0.51 9.03
C LEU C 57 4.74 -1.77 8.27
N GLU C 58 4.10 -2.71 8.96
CA GLU C 58 3.69 -3.97 8.33
C GLU C 58 4.85 -4.65 7.60
N GLY C 59 6.02 -4.60 8.23
CA GLY C 59 7.22 -5.22 7.68
C GLY C 59 8.04 -4.37 6.74
N ARG C 60 7.57 -3.16 6.46
CA ARG C 60 8.27 -2.26 5.54
C ARG C 60 8.95 -1.07 6.23
N ASP C 61 10.25 -0.90 5.97
CA ASP C 61 11.00 0.21 6.56
C ASP C 61 10.40 1.54 6.08
N VAL C 62 9.89 2.35 7.00
CA VAL C 62 9.26 3.62 6.62
C VAL C 62 10.20 4.63 5.99
N ARG C 63 11.51 4.46 6.16
CA ARG C 63 12.47 5.38 5.57
C ARG C 63 12.40 5.31 4.04
N TYR C 64 11.90 4.19 3.53
CA TYR C 64 11.79 4.01 2.08
C TYR C 64 10.39 4.35 1.59
N LEU C 65 9.52 4.77 2.52
CA LEU C 65 8.17 5.16 2.21
C LEU C 65 8.10 6.69 2.30
N GLN C 66 7.40 7.23 3.28
CA GLN C 66 7.32 8.68 3.45
C GLN C 66 7.84 9.10 4.82
N GLY C 67 8.62 8.22 5.45
CA GLY C 67 9.14 8.53 6.77
C GLY C 67 8.03 8.80 7.77
N LEU C 68 8.19 9.84 8.58
CA LEU C 68 7.19 10.19 9.59
C LEU C 68 5.83 10.57 8.99
N SER C 69 5.82 11.00 7.73
CA SER C 69 4.58 11.39 7.07
C SER C 69 3.84 10.21 6.47
N THR C 70 4.40 9.02 6.61
CA THR C 70 3.76 7.82 6.07
C THR C 70 2.42 7.58 6.72
N PRO C 71 1.35 7.51 5.93
CA PRO C 71 0.04 7.27 6.53
C PRO C 71 -0.11 5.79 6.91
N LEU C 72 -0.96 5.50 7.89
CA LEU C 72 -1.19 4.11 8.28
C LEU C 72 -2.61 3.95 8.79
N SER C 73 -3.14 2.74 8.67
CA SER C 73 -4.51 2.45 9.09
C SER C 73 -4.62 2.19 10.59
N PRO C 74 -5.84 2.24 11.13
CA PRO C 74 -6.06 2.00 12.55
C PRO C 74 -5.56 0.62 12.96
N GLY C 75 -5.69 -0.34 12.05
CA GLY C 75 -5.26 -1.69 12.33
C GLY C 75 -3.81 -1.97 11.96
N ALA C 76 -3.08 -0.92 11.62
CA ALA C 76 -1.68 -1.08 11.25
C ALA C 76 -0.81 -1.44 12.44
N THR C 77 0.30 -2.10 12.16
CA THR C 77 1.26 -2.49 13.17
C THR C 77 2.63 -1.93 12.81
N LEU C 78 3.26 -1.29 13.78
CA LEU C 78 4.59 -0.71 13.63
C LEU C 78 5.55 -1.44 14.54
N ASP C 79 6.72 -1.78 14.02
CA ASP C 79 7.76 -2.46 14.79
C ASP C 79 8.92 -1.49 14.98
N LEU C 80 9.34 -1.28 16.22
CA LEU C 80 10.44 -0.35 16.48
C LEU C 80 11.67 -1.04 17.06
N PHE C 81 12.82 -0.76 16.47
CA PHE C 81 14.09 -1.34 16.92
C PHE C 81 15.12 -0.25 17.22
N PRO C 82 15.82 -0.37 18.36
CA PRO C 82 16.85 0.61 18.72
C PRO C 82 18.11 0.27 17.93
N PRO C 83 19.07 1.22 17.86
CA PRO C 83 20.33 1.02 17.13
C PRO C 83 20.98 -0.35 17.37
N VAL C 84 20.97 -0.78 18.62
CA VAL C 84 21.54 -2.08 18.99
C VAL C 84 20.36 -2.92 19.48
N ALA C 85 19.78 -3.70 18.56
CA ALA C 85 18.60 -4.50 18.88
C ALA C 85 18.82 -5.96 19.25
N GLY C 86 20.07 -6.42 19.27
CA GLY C 86 20.32 -7.80 19.64
C GLY C 86 20.56 -8.71 18.46
N GLY C 87 20.83 -9.98 18.72
CA GLY C 87 21.11 -10.91 17.65
C GLY C 87 19.97 -11.80 17.18
N GLY C 88 18.75 -11.53 17.61
CA GLY C 88 17.64 -12.37 17.17
C GLY C 88 16.26 -11.86 17.54
N PHE C 89 15.25 -12.30 16.79
CA PHE C 89 13.86 -11.89 17.02
C PHE C 89 12.93 -13.06 16.73
N GLU C 90 11.76 -13.05 17.37
CA GLU C 90 10.81 -14.13 17.18
C GLU C 90 9.36 -13.65 17.26
N ARG C 91 8.49 -14.36 16.55
CA ARG C 91 7.07 -14.05 16.57
C ARG C 91 6.32 -15.26 16.04
N THR C 92 5.11 -15.47 16.56
CA THR C 92 4.29 -16.57 16.12
C THR C 92 3.25 -15.96 15.19
N PHE C 93 3.08 -16.58 14.02
CA PHE C 93 2.14 -16.11 13.00
C PHE C 93 0.99 -17.08 12.80
N GLY C 94 -0.22 -16.55 12.77
CA GLY C 94 -1.38 -17.38 12.55
C GLY C 94 -1.69 -17.53 11.08
N ALA C 95 -2.07 -18.74 10.67
CA ALA C 95 -2.42 -19.00 9.27
C ALA C 95 -1.28 -18.66 8.30
N PHE C 96 -0.05 -18.92 8.72
CA PHE C 96 1.13 -18.69 7.88
C PHE C 96 1.83 -20.03 7.93
N PRO C 97 1.38 -20.98 7.11
CA PRO C 97 1.94 -22.33 7.05
C PRO C 97 3.39 -22.45 6.62
N PRO C 98 4.07 -23.51 7.11
CA PRO C 98 5.47 -23.76 6.77
C PRO C 98 5.69 -23.78 5.25
N TRP C 99 4.79 -24.40 4.49
CA TRP C 99 5.00 -24.47 3.05
C TRP C 99 5.05 -23.09 2.39
N LEU C 100 4.30 -22.14 2.93
CA LEU C 100 4.27 -20.80 2.38
C LEU C 100 5.52 -20.03 2.76
N LEU C 101 5.93 -20.12 4.02
CA LEU C 101 7.15 -19.46 4.46
C LEU C 101 8.32 -20.01 3.64
N GLU C 102 8.35 -21.33 3.45
CA GLU C 102 9.42 -21.95 2.69
C GLU C 102 9.46 -21.43 1.25
N ARG C 103 8.29 -21.23 0.64
CA ARG C 103 8.23 -20.71 -0.73
C ARG C 103 8.89 -19.33 -0.77
N TYR C 104 8.58 -18.48 0.20
CA TYR C 104 9.20 -17.16 0.25
C TYR C 104 10.70 -17.27 0.49
N LEU C 105 11.11 -18.08 1.45
CA LEU C 105 12.54 -18.21 1.74
C LEU C 105 13.30 -18.68 0.51
N GLU C 106 12.69 -19.59 -0.26
CA GLU C 106 13.31 -20.11 -1.47
C GLU C 106 13.41 -19.01 -2.53
N GLU C 107 12.35 -18.21 -2.65
CA GLU C 107 12.33 -17.11 -3.62
C GLU C 107 13.43 -16.10 -3.29
N TRP C 108 13.72 -15.93 -2.01
CA TRP C 108 14.72 -14.96 -1.57
C TRP C 108 16.15 -15.49 -1.60
N GLY C 109 16.35 -16.68 -2.18
CA GLY C 109 17.68 -17.23 -2.26
C GLY C 109 18.12 -17.99 -1.02
N GLY C 110 17.16 -18.31 -0.16
CA GLY C 110 17.49 -19.06 1.04
C GLY C 110 17.78 -20.51 0.75
N THR C 111 18.50 -21.17 1.65
CA THR C 111 18.84 -22.57 1.49
C THR C 111 18.39 -23.40 2.69
N ARG C 112 17.73 -24.53 2.42
CA ARG C 112 17.26 -25.41 3.47
C ARG C 112 18.44 -26.16 4.07
N GLU C 113 18.66 -25.99 5.37
CA GLU C 113 19.76 -26.66 6.06
C GLU C 113 19.22 -27.89 6.76
N GLY C 114 17.93 -27.87 7.05
CA GLY C 114 17.27 -28.97 7.71
C GLY C 114 15.82 -28.61 7.90
N GLU C 115 15.03 -29.49 8.50
CA GLU C 115 13.62 -29.20 8.70
C GLU C 115 13.49 -27.96 9.58
N GLY C 116 12.80 -26.94 9.05
CA GLY C 116 12.60 -25.71 9.79
C GLY C 116 13.83 -24.85 10.03
N VAL C 117 14.86 -25.04 9.21
CA VAL C 117 16.10 -24.27 9.35
C VAL C 117 16.59 -23.83 7.97
N TYR C 118 16.67 -22.53 7.76
CA TYR C 118 17.12 -21.99 6.48
C TYR C 118 18.19 -20.93 6.68
N ARG C 119 19.11 -20.82 5.73
CA ARG C 119 20.14 -19.79 5.79
C ARG C 119 19.83 -18.73 4.74
N LEU C 120 20.05 -17.48 5.11
CA LEU C 120 19.87 -16.34 4.21
C LEU C 120 21.09 -15.48 4.44
N PRO C 121 21.35 -14.52 3.54
CA PRO C 121 22.53 -13.68 3.76
C PRO C 121 22.45 -12.95 5.12
N GLY C 122 23.44 -13.17 5.97
CA GLY C 122 23.45 -12.53 7.28
C GLY C 122 22.44 -13.04 8.30
N ALA C 123 21.82 -14.19 8.04
CA ALA C 123 20.84 -14.70 9.01
C ALA C 123 20.49 -16.17 8.90
N VAL C 124 19.90 -16.69 9.97
CA VAL C 124 19.43 -18.06 10.02
C VAL C 124 17.98 -17.98 10.50
N VAL C 125 17.09 -18.60 9.73
CA VAL C 125 15.67 -18.60 10.05
C VAL C 125 15.26 -19.98 10.54
N ARG C 126 14.64 -20.00 11.72
CA ARG C 126 14.17 -21.24 12.32
C ARG C 126 12.67 -21.12 12.52
N PHE C 127 11.93 -22.16 12.17
CA PHE C 127 10.49 -22.14 12.34
C PHE C 127 9.94 -23.50 12.71
N ARG C 128 8.86 -23.49 13.46
CA ARG C 128 8.24 -24.72 13.91
C ARG C 128 6.74 -24.49 14.11
N GLU C 129 5.96 -25.51 13.78
CA GLU C 129 4.51 -25.43 13.94
C GLU C 129 4.23 -25.52 15.45
N VAL C 130 3.34 -24.68 15.95
CA VAL C 130 3.01 -24.75 17.37
C VAL C 130 1.52 -25.03 17.54
N GLU C 131 1.06 -25.11 18.77
CA GLU C 131 -0.35 -25.39 19.03
C GLU C 131 -1.24 -24.37 18.34
N PRO C 132 -2.25 -24.85 17.60
CA PRO C 132 -3.17 -23.94 16.90
C PRO C 132 -4.15 -23.22 17.80
N LEU C 133 -4.69 -22.11 17.31
CA LEU C 133 -5.67 -21.32 18.03
C LEU C 133 -7.02 -21.91 17.67
N LYS C 134 -7.99 -21.76 18.56
CA LYS C 134 -9.31 -22.27 18.22
C LYS C 134 -10.37 -21.19 18.33
N VAL C 135 -11.14 -21.08 17.25
CA VAL C 135 -12.21 -20.09 17.17
C VAL C 135 -13.42 -20.82 16.61
N GLY C 136 -14.39 -21.09 17.47
CA GLY C 136 -15.56 -21.83 17.02
C GLY C 136 -15.11 -23.17 16.49
N SER C 137 -15.53 -23.50 15.27
CA SER C 137 -15.15 -24.77 14.67
C SER C 137 -13.89 -24.65 13.82
N LEU C 138 -13.22 -23.51 13.90
CA LEU C 138 -12.01 -23.27 13.12
C LEU C 138 -10.73 -23.43 13.91
N SER C 139 -9.84 -24.27 13.40
CA SER C 139 -8.54 -24.49 14.03
C SER C 139 -7.57 -23.68 13.18
N ILE C 140 -6.91 -22.71 13.81
CA ILE C 140 -5.98 -21.84 13.10
C ILE C 140 -4.53 -22.25 13.36
N PRO C 141 -3.84 -22.75 12.33
CA PRO C 141 -2.44 -23.15 12.47
C PRO C 141 -1.60 -21.97 12.96
N GLN C 142 -0.54 -22.27 13.71
CA GLN C 142 0.34 -21.25 14.24
C GLN C 142 1.77 -21.62 13.93
N LEU C 143 2.57 -20.66 13.50
CA LEU C 143 3.96 -20.93 13.16
C LEU C 143 4.89 -20.01 13.91
N ARG C 144 5.77 -20.60 14.73
CA ARG C 144 6.74 -19.82 15.47
C ARG C 144 7.95 -19.61 14.59
N VAL C 145 8.29 -18.34 14.35
CA VAL C 145 9.43 -18.02 13.52
C VAL C 145 10.49 -17.26 14.29
N GLU C 146 11.72 -17.72 14.22
CA GLU C 146 12.85 -17.09 14.90
C GLU C 146 13.96 -16.78 13.90
N VAL C 147 14.53 -15.59 13.97
CA VAL C 147 15.60 -15.20 13.07
C VAL C 147 16.79 -14.71 13.89
N GLU C 148 17.96 -15.24 13.60
CA GLU C 148 19.17 -14.85 14.30
C GLU C 148 20.23 -14.43 13.29
N GLY C 149 21.15 -13.56 13.72
CA GLY C 149 22.20 -13.12 12.82
C GLY C 149 22.30 -11.63 12.65
N GLU C 150 23.35 -11.21 11.96
CA GLU C 150 23.63 -9.81 11.70
C GLU C 150 22.45 -9.09 11.05
N GLU C 151 21.81 -9.75 10.09
CA GLU C 151 20.67 -9.14 9.40
C GLU C 151 19.33 -9.71 9.87
N ALA C 152 19.28 -10.18 11.11
CA ALA C 152 18.03 -10.75 11.64
C ALA C 152 16.86 -9.78 11.61
N GLU C 153 17.12 -8.53 11.95
CA GLU C 153 16.05 -7.53 12.00
C GLU C 153 15.34 -7.37 10.65
N ARG C 154 16.11 -7.14 9.60
CA ARG C 154 15.48 -6.95 8.30
C ARG C 154 14.83 -8.22 7.77
N TRP C 155 15.44 -9.38 7.97
CA TRP C 155 14.82 -10.61 7.47
C TRP C 155 13.55 -10.92 8.26
N PHE C 156 13.57 -10.65 9.57
CA PHE C 156 12.41 -10.88 10.41
C PHE C 156 11.26 -10.00 9.90
N GLU C 157 11.56 -8.75 9.59
CA GLU C 157 10.54 -7.85 9.10
C GLU C 157 10.05 -8.25 7.70
N ARG C 158 10.93 -8.76 6.86
CA ARG C 158 10.48 -9.17 5.53
C ARG C 158 9.52 -10.35 5.69
N ILE C 159 9.76 -11.21 6.67
CA ILE C 159 8.86 -12.34 6.92
C ILE C 159 7.51 -11.80 7.45
N ALA C 160 7.54 -10.79 8.31
CA ALA C 160 6.28 -10.19 8.78
C ALA C 160 5.51 -9.63 7.60
N PHE C 161 6.22 -9.03 6.65
CA PHE C 161 5.58 -8.50 5.44
C PHE C 161 4.90 -9.66 4.70
N ALA C 162 5.64 -10.74 4.49
CA ALA C 162 5.11 -11.89 3.77
C ALA C 162 3.86 -12.46 4.44
N ALA C 163 3.90 -12.57 5.75
CA ALA C 163 2.75 -13.12 6.49
C ALA C 163 1.52 -12.23 6.32
N SER C 164 1.73 -10.91 6.27
CA SER C 164 0.63 -9.95 6.14
C SER C 164 -0.02 -9.98 4.77
N ARG C 165 0.61 -10.67 3.82
CA ARG C 165 0.10 -10.75 2.46
C ARG C 165 -0.89 -11.91 2.33
N PRO D 1 -7.52 -10.06 11.73
CA PRO D 1 -8.46 -8.93 11.82
C PRO D 1 -9.61 -9.22 12.78
N LYS D 2 -10.23 -8.16 13.27
CA LYS D 2 -11.36 -8.28 14.19
C LYS D 2 -12.66 -8.11 13.43
N VAL D 3 -13.67 -8.87 13.83
CA VAL D 3 -14.97 -8.78 13.18
C VAL D 3 -16.05 -8.56 14.23
N ASN D 4 -16.79 -7.47 14.10
CA ASN D 4 -17.89 -7.19 15.01
C ASN D 4 -19.13 -7.74 14.34
N LEU D 5 -19.90 -8.53 15.07
CA LEU D 5 -21.11 -9.15 14.53
C LEU D 5 -22.36 -8.47 15.10
N TYR D 6 -23.35 -8.22 14.24
CA TYR D 6 -24.57 -7.58 14.69
C TYR D 6 -25.83 -8.38 14.38
N ALA D 7 -26.87 -8.13 15.17
CA ALA D 7 -28.16 -8.79 15.02
C ALA D 7 -28.11 -10.30 14.80
N THR D 8 -28.69 -10.74 13.69
CA THR D 8 -28.74 -12.14 13.33
C THR D 8 -27.41 -12.86 13.49
N PHE D 9 -26.32 -12.24 13.01
CA PHE D 9 -25.01 -12.85 13.09
C PHE D 9 -24.55 -13.08 14.52
N ARG D 10 -24.93 -12.18 15.42
CA ARG D 10 -24.56 -12.32 16.82
C ARG D 10 -25.34 -13.47 17.46
N ASP D 11 -26.59 -13.65 17.05
CA ASP D 11 -27.43 -14.72 17.57
C ASP D 11 -26.91 -16.06 17.08
N LEU D 12 -26.68 -16.15 15.76
CA LEU D 12 -26.20 -17.36 15.14
C LEU D 12 -24.89 -17.88 15.70
N THR D 13 -24.05 -16.97 16.20
CA THR D 13 -22.75 -17.36 16.75
C THR D 13 -22.64 -17.21 18.27
N GLY D 14 -23.44 -16.33 18.85
CA GLY D 14 -23.38 -16.12 20.29
C GLY D 14 -22.18 -15.26 20.67
N LYS D 15 -21.60 -14.60 19.68
CA LYS D 15 -20.45 -13.73 19.90
C LYS D 15 -20.68 -12.34 19.31
N SER D 16 -20.14 -11.32 19.99
CA SER D 16 -20.26 -9.94 19.54
C SER D 16 -19.07 -9.55 18.69
N GLN D 17 -17.91 -10.14 18.98
CA GLN D 17 -16.68 -9.88 18.24
C GLN D 17 -15.78 -11.10 18.23
N LEU D 18 -15.11 -11.31 17.11
CA LEU D 18 -14.19 -12.43 16.93
C LEU D 18 -12.93 -11.93 16.26
N GLU D 19 -11.84 -12.66 16.44
CA GLU D 19 -10.58 -12.33 15.81
C GLU D 19 -10.27 -13.50 14.88
N LEU D 20 -10.14 -13.22 13.60
CA LEU D 20 -9.89 -14.25 12.60
C LEU D 20 -8.75 -13.86 11.66
N PRO D 21 -8.03 -14.85 11.13
CA PRO D 21 -6.92 -14.56 10.21
C PRO D 21 -7.43 -14.18 8.83
N GLY D 22 -6.56 -13.55 8.03
CA GLY D 22 -6.95 -13.15 6.69
C GLY D 22 -6.33 -11.84 6.24
N ALA D 23 -5.86 -11.81 5.00
CA ALA D 23 -5.24 -10.61 4.43
C ALA D 23 -6.19 -9.80 3.57
N THR D 24 -7.38 -10.33 3.33
CA THR D 24 -8.41 -9.65 2.55
C THR D 24 -9.75 -9.92 3.22
N VAL D 25 -10.72 -9.08 2.90
CA VAL D 25 -12.05 -9.24 3.49
C VAL D 25 -12.56 -10.65 3.21
N GLY D 26 -12.35 -11.12 1.98
CA GLY D 26 -12.79 -12.47 1.61
C GLY D 26 -12.16 -13.56 2.46
N GLU D 27 -10.85 -13.50 2.69
CA GLU D 27 -10.18 -14.50 3.51
C GLU D 27 -10.77 -14.50 4.92
N VAL D 28 -10.96 -13.32 5.49
CA VAL D 28 -11.51 -13.22 6.84
C VAL D 28 -12.92 -13.80 6.90
N LEU D 29 -13.76 -13.45 5.93
CA LEU D 29 -15.13 -13.96 5.93
C LEU D 29 -15.19 -15.47 5.68
N GLU D 30 -14.27 -15.98 4.87
CA GLU D 30 -14.23 -17.42 4.61
C GLU D 30 -13.90 -18.12 5.92
N ASN D 31 -12.97 -17.54 6.68
CA ASN D 31 -12.61 -18.13 7.96
C ASN D 31 -13.76 -18.02 8.95
N LEU D 32 -14.56 -16.96 8.80
CA LEU D 32 -15.71 -16.76 9.68
C LEU D 32 -16.72 -17.88 9.48
N VAL D 33 -16.92 -18.27 8.23
CA VAL D 33 -17.88 -19.34 7.93
C VAL D 33 -17.34 -20.68 8.43
N ARG D 34 -16.03 -20.85 8.40
CA ARG D 34 -15.44 -22.10 8.90
C ARG D 34 -15.60 -22.15 10.42
N ALA D 35 -15.49 -20.99 11.04
CA ALA D 35 -15.63 -20.89 12.49
C ALA D 35 -17.07 -21.15 12.90
N TYR D 36 -18.01 -20.60 12.13
CA TYR D 36 -19.43 -20.79 12.42
C TYR D 36 -20.21 -21.05 11.14
N PRO D 37 -20.24 -22.32 10.70
CA PRO D 37 -20.94 -22.77 9.49
C PRO D 37 -22.39 -22.31 9.38
N ALA D 38 -23.00 -21.98 10.51
CA ALA D 38 -24.39 -21.52 10.52
C ALA D 38 -24.55 -20.19 9.80
N LEU D 39 -23.44 -19.49 9.58
CA LEU D 39 -23.45 -18.19 8.91
C LEU D 39 -23.33 -18.27 7.39
N LYS D 40 -22.92 -19.42 6.88
CA LYS D 40 -22.74 -19.59 5.45
C LYS D 40 -23.85 -19.05 4.57
N GLU D 41 -25.06 -19.56 4.76
CA GLU D 41 -26.22 -19.15 3.97
C GLU D 41 -26.56 -17.67 4.12
N GLU D 42 -26.23 -17.10 5.28
CA GLU D 42 -26.53 -15.71 5.57
C GLU D 42 -25.50 -14.75 4.98
N LEU D 43 -24.24 -15.18 4.97
CA LEU D 43 -23.15 -14.35 4.47
C LEU D 43 -22.82 -14.48 2.98
N PHE D 44 -22.83 -15.70 2.47
CA PHE D 44 -22.49 -15.94 1.07
C PHE D 44 -23.61 -16.44 0.16
N GLU D 45 -23.48 -16.10 -1.12
CA GLU D 45 -24.39 -16.54 -2.17
C GLU D 45 -23.43 -17.08 -3.20
N GLY D 46 -23.07 -18.36 -3.05
CA GLY D 46 -22.12 -18.96 -3.96
C GLY D 46 -20.73 -18.52 -3.50
N GLU D 47 -19.96 -17.93 -4.40
CA GLU D 47 -18.61 -17.46 -4.06
C GLU D 47 -18.61 -15.99 -3.67
N GLY D 48 -19.75 -15.33 -3.86
CA GLY D 48 -19.84 -13.91 -3.54
C GLY D 48 -20.63 -13.57 -2.30
N LEU D 49 -20.55 -12.32 -1.90
CA LEU D 49 -21.27 -11.83 -0.72
C LEU D 49 -22.77 -11.90 -0.94
N ALA D 50 -23.51 -12.18 0.13
CA ALA D 50 -24.97 -12.22 0.03
C ALA D 50 -25.45 -10.83 -0.34
N GLU D 51 -26.49 -10.78 -1.15
CA GLU D 51 -27.06 -9.52 -1.64
C GLU D 51 -27.30 -8.39 -0.65
N ARG D 52 -27.98 -8.68 0.45
CA ARG D 52 -28.32 -7.64 1.42
C ARG D 52 -27.44 -7.51 2.67
N VAL D 53 -26.29 -8.18 2.69
CA VAL D 53 -25.41 -8.08 3.84
C VAL D 53 -24.52 -6.85 3.66
N SER D 54 -24.19 -6.18 4.76
CA SER D 54 -23.33 -5.00 4.71
C SER D 54 -22.06 -5.26 5.49
N VAL D 55 -20.92 -5.00 4.85
CA VAL D 55 -19.64 -5.20 5.49
C VAL D 55 -18.85 -3.89 5.41
N PHE D 56 -18.45 -3.38 6.58
CA PHE D 56 -17.71 -2.12 6.62
C PHE D 56 -16.30 -2.31 7.14
N LEU D 57 -15.35 -1.65 6.50
CA LEU D 57 -13.96 -1.70 6.92
C LEU D 57 -13.63 -0.31 7.43
N GLU D 58 -13.48 -0.21 8.75
CA GLU D 58 -13.19 1.07 9.40
C GLU D 58 -14.18 2.12 8.92
N GLY D 59 -15.46 1.76 8.93
CA GLY D 59 -16.53 2.68 8.52
C GLY D 59 -16.82 2.81 7.04
N ARG D 60 -16.03 2.11 6.21
CA ARG D 60 -16.19 2.18 4.76
C ARG D 60 -16.88 0.93 4.22
N ASP D 61 -17.97 1.10 3.47
CA ASP D 61 -18.68 -0.04 2.88
C ASP D 61 -17.70 -0.70 1.90
N VAL D 62 -17.37 -1.96 2.13
CA VAL D 62 -16.41 -2.64 1.27
C VAL D 62 -16.82 -2.79 -0.18
N ARG D 63 -18.10 -2.72 -0.46
CA ARG D 63 -18.55 -2.83 -1.85
C ARG D 63 -17.98 -1.67 -2.65
N TYR D 64 -17.68 -0.56 -1.97
CA TYR D 64 -17.14 0.63 -2.61
C TYR D 64 -15.61 0.65 -2.62
N LEU D 65 -15.02 -0.34 -1.98
CA LEU D 65 -13.57 -0.49 -1.97
C LEU D 65 -13.33 -1.58 -3.01
N GLN D 66 -12.84 -2.75 -2.61
CA GLN D 66 -12.62 -3.82 -3.57
C GLN D 66 -13.41 -5.06 -3.19
N GLY D 67 -14.50 -4.86 -2.46
CA GLY D 67 -15.32 -5.97 -2.04
C GLY D 67 -14.53 -7.02 -1.27
N LEU D 68 -14.75 -8.29 -1.59
CA LEU D 68 -14.05 -9.37 -0.91
C LEU D 68 -12.54 -9.32 -1.19
N SER D 69 -12.14 -8.58 -2.22
CA SER D 69 -10.73 -8.49 -2.56
C SER D 69 -10.00 -7.38 -1.80
N THR D 70 -10.74 -6.64 -0.99
CA THR D 70 -10.17 -5.54 -0.23
C THR D 70 -9.09 -6.00 0.74
N PRO D 71 -7.86 -5.45 0.61
CA PRO D 71 -6.76 -5.82 1.50
C PRO D 71 -7.02 -5.32 2.91
N LEU D 72 -6.55 -6.09 3.89
CA LEU D 72 -6.71 -5.77 5.31
C LEU D 72 -5.41 -5.91 6.10
N SER D 73 -5.16 -4.99 7.02
CA SER D 73 -3.98 -5.08 7.86
C SER D 73 -4.37 -6.05 8.99
N PRO D 74 -3.38 -6.73 9.59
CA PRO D 74 -3.66 -7.68 10.66
C PRO D 74 -4.60 -7.23 11.78
N GLY D 75 -4.52 -5.96 12.15
CA GLY D 75 -5.36 -5.44 13.21
C GLY D 75 -6.61 -4.69 12.78
N ALA D 76 -6.93 -4.79 11.49
CA ALA D 76 -8.12 -4.12 10.94
C ALA D 76 -9.39 -4.65 11.57
N THR D 77 -10.43 -3.81 11.57
CA THR D 77 -11.71 -4.20 12.14
C THR D 77 -12.84 -4.07 11.12
N LEU D 78 -13.63 -5.13 11.00
CA LEU D 78 -14.76 -5.16 10.07
C LEU D 78 -16.05 -5.20 10.87
N ASP D 79 -17.07 -4.49 10.40
CA ASP D 79 -18.39 -4.50 11.04
C ASP D 79 -19.30 -5.25 10.06
N LEU D 80 -19.92 -6.32 10.56
CA LEU D 80 -20.81 -7.16 9.74
C LEU D 80 -22.28 -7.02 10.12
N PHE D 81 -23.08 -6.55 9.18
CA PHE D 81 -24.52 -6.36 9.41
C PHE D 81 -25.38 -7.24 8.51
N PRO D 82 -26.32 -7.98 9.09
CA PRO D 82 -27.19 -8.83 8.27
C PRO D 82 -28.28 -7.92 7.69
N PRO D 83 -29.07 -8.42 6.74
CA PRO D 83 -30.14 -7.62 6.11
C PRO D 83 -30.97 -6.81 7.11
N VAL D 84 -31.36 -7.43 8.21
CA VAL D 84 -32.13 -6.75 9.24
C VAL D 84 -31.24 -6.59 10.46
N ALA D 85 -30.54 -5.45 10.54
CA ALA D 85 -29.62 -5.20 11.65
C ALA D 85 -30.23 -4.49 12.85
N GLY D 86 -31.41 -3.92 12.67
CA GLY D 86 -32.05 -3.21 13.77
C GLY D 86 -31.70 -1.73 13.77
N GLY D 87 -32.13 -1.02 14.81
CA GLY D 87 -31.84 0.40 14.90
C GLY D 87 -31.23 0.85 16.21
N GLY D 88 -30.06 0.33 16.54
CA GLY D 88 -29.38 0.70 17.78
C GLY D 88 -27.96 0.15 17.82
N PHE D 89 -26.99 1.05 17.71
CA PHE D 89 -25.59 0.64 17.72
C PHE D 89 -24.76 1.62 18.55
N GLU D 90 -23.78 1.10 19.29
CA GLU D 90 -22.93 1.94 20.11
C GLU D 90 -21.48 1.47 20.10
N ARG D 91 -20.57 2.39 20.40
CA ARG D 91 -19.15 2.08 20.44
C ARG D 91 -18.41 3.23 21.12
N THR D 92 -17.31 2.88 21.79
CA THR D 92 -16.49 3.87 22.47
C THR D 92 -15.28 4.15 21.58
N PHE D 93 -15.16 5.39 21.14
CA PHE D 93 -14.07 5.79 20.26
C PHE D 93 -12.95 6.47 21.02
N GLY D 94 -11.70 6.15 20.67
CA GLY D 94 -10.57 6.76 21.31
C GLY D 94 -10.06 7.91 20.47
N ALA D 95 -9.40 8.87 21.11
CA ALA D 95 -8.85 10.03 20.41
C ALA D 95 -9.84 10.67 19.44
N PHE D 96 -11.10 10.72 19.86
CA PHE D 96 -12.17 11.29 19.04
C PHE D 96 -12.99 12.18 19.99
N PRO D 97 -12.53 13.41 20.21
CA PRO D 97 -13.19 14.38 21.09
C PRO D 97 -14.57 14.87 20.65
N PRO D 98 -15.41 15.27 21.61
CA PRO D 98 -16.75 15.77 21.32
C PRO D 98 -16.79 16.87 20.27
N TRP D 99 -15.88 17.85 20.36
CA TRP D 99 -15.88 18.94 19.40
C TRP D 99 -15.68 18.46 17.97
N LEU D 100 -14.93 17.38 17.80
CA LEU D 100 -14.68 16.84 16.48
C LEU D 100 -15.93 16.14 15.95
N LEU D 101 -16.53 15.28 16.76
CA LEU D 101 -17.74 14.60 16.34
C LEU D 101 -18.81 15.65 16.00
N GLU D 102 -18.95 16.64 16.86
CA GLU D 102 -19.93 17.69 16.63
C GLU D 102 -19.66 18.41 15.30
N ARG D 103 -18.39 18.66 15.01
CA ARG D 103 -18.04 19.32 13.76
C ARG D 103 -18.58 18.51 12.59
N TYR D 104 -18.32 17.20 12.61
CA TYR D 104 -18.79 16.31 11.55
C TYR D 104 -20.31 16.23 11.47
N LEU D 105 -20.97 16.08 12.61
CA LEU D 105 -22.42 15.98 12.62
C LEU D 105 -23.08 17.21 11.97
N GLU D 106 -22.55 18.38 12.29
CA GLU D 106 -23.10 19.61 11.73
C GLU D 106 -22.84 19.65 10.23
N GLU D 107 -21.63 19.30 9.83
CA GLU D 107 -21.27 19.29 8.42
C GLU D 107 -22.16 18.33 7.64
N TRP D 108 -22.65 17.29 8.31
CA TRP D 108 -23.51 16.31 7.66
C TRP D 108 -24.98 16.75 7.64
N GLY D 109 -25.26 17.91 8.23
CA GLY D 109 -26.62 18.41 8.25
C GLY D 109 -27.39 18.10 9.52
N GLY D 110 -26.70 17.57 10.52
CA GLY D 110 -27.34 17.25 11.77
C GLY D 110 -27.65 18.49 12.58
N THR D 111 -28.53 18.36 13.57
CA THR D 111 -28.91 19.49 14.42
C THR D 111 -28.75 19.14 15.89
N ARG D 112 -28.18 20.06 16.65
CA ARG D 112 -27.96 19.87 18.07
C ARG D 112 -29.28 19.96 18.84
N GLU D 113 -29.69 18.85 19.43
CA GLU D 113 -30.93 18.79 20.20
C GLU D 113 -30.62 19.14 21.64
N GLY D 114 -29.36 18.99 22.01
CA GLY D 114 -28.91 19.27 23.36
C GLY D 114 -27.53 18.68 23.57
N GLU D 115 -26.96 18.87 24.75
CA GLU D 115 -25.63 18.34 25.05
C GLU D 115 -25.52 16.84 24.77
N GLY D 116 -24.58 16.48 23.91
CA GLY D 116 -24.37 15.08 23.57
C GLY D 116 -25.54 14.44 22.84
N VAL D 117 -26.36 15.25 22.19
CA VAL D 117 -27.51 14.74 21.44
C VAL D 117 -27.71 15.51 20.15
N TYR D 118 -27.68 14.78 19.03
CA TYR D 118 -27.86 15.36 17.71
C TYR D 118 -28.86 14.55 16.90
N ARG D 119 -29.52 15.21 15.95
CA ARG D 119 -30.51 14.52 15.11
C ARG D 119 -30.13 14.63 13.63
N LEU D 120 -30.15 13.49 12.95
CA LEU D 120 -29.82 13.40 11.54
C LEU D 120 -31.02 12.77 10.81
N PRO D 121 -31.00 12.80 9.47
CA PRO D 121 -32.11 12.21 8.72
C PRO D 121 -32.25 10.72 9.01
N GLY D 122 -33.18 10.38 9.90
CA GLY D 122 -33.42 8.99 10.23
C GLY D 122 -32.54 8.41 11.33
N ALA D 123 -32.13 9.25 12.28
CA ALA D 123 -31.29 8.78 13.38
C ALA D 123 -31.00 9.85 14.42
N VAL D 124 -30.75 9.40 15.65
CA VAL D 124 -30.42 10.28 16.75
C VAL D 124 -29.09 9.80 17.31
N VAL D 125 -28.15 10.72 17.46
CA VAL D 125 -26.81 10.39 17.95
C VAL D 125 -26.57 10.88 19.37
N ARG D 126 -26.25 9.96 20.27
CA ARG D 126 -25.97 10.28 21.66
C ARG D 126 -24.50 9.97 21.94
N PHE D 127 -23.81 10.87 22.64
CA PHE D 127 -22.41 10.65 22.95
C PHE D 127 -22.00 11.34 24.26
N ARG D 128 -21.13 10.66 25.00
CA ARG D 128 -20.63 11.18 26.27
C ARG D 128 -19.26 10.59 26.53
N GLU D 129 -18.39 11.38 27.14
CA GLU D 129 -17.04 10.92 27.45
C GLU D 129 -17.05 9.99 28.65
N VAL D 130 -16.15 9.01 28.63
CA VAL D 130 -16.02 8.08 29.72
C VAL D 130 -14.56 8.17 30.18
N GLU D 131 -14.20 7.38 31.17
CA GLU D 131 -12.84 7.39 31.70
C GLU D 131 -11.82 7.15 30.59
N PRO D 132 -10.89 8.09 30.39
CA PRO D 132 -9.87 7.94 29.35
C PRO D 132 -8.89 6.81 29.65
N LEU D 133 -8.29 6.26 28.60
CA LEU D 133 -7.32 5.20 28.76
C LEU D 133 -6.00 5.84 29.15
N LYS D 134 -5.16 5.08 29.83
CA LYS D 134 -3.85 5.59 30.25
C LYS D 134 -2.77 4.63 29.79
N VAL D 135 -1.87 5.14 28.94
CA VAL D 135 -0.75 4.35 28.45
C VAL D 135 0.48 5.11 28.94
N GLY D 136 1.07 4.63 30.03
CA GLY D 136 2.22 5.31 30.58
C GLY D 136 1.74 6.68 31.00
N SER D 137 2.49 7.71 30.66
CA SER D 137 2.11 9.08 31.00
C SER D 137 1.18 9.71 29.97
N LEU D 138 0.63 8.90 29.07
CA LEU D 138 -0.28 9.40 28.04
C LEU D 138 -1.73 9.08 28.36
N SER D 139 -2.59 10.08 28.25
CA SER D 139 -4.01 9.91 28.49
C SER D 139 -4.73 9.91 27.15
N ILE D 140 -5.49 8.86 26.89
CA ILE D 140 -6.22 8.74 25.64
C ILE D 140 -7.72 8.90 25.87
N PRO D 141 -8.30 10.01 25.40
CA PRO D 141 -9.74 10.25 25.57
C PRO D 141 -10.63 9.15 25.00
N GLN D 142 -11.74 8.89 25.68
CA GLN D 142 -12.69 7.87 25.28
C GLN D 142 -14.09 8.46 25.15
N LEU D 143 -14.70 8.30 23.98
CA LEU D 143 -16.03 8.83 23.73
C LEU D 143 -17.05 7.75 23.39
N ARG D 144 -18.03 7.55 24.26
CA ARG D 144 -19.08 6.57 24.02
C ARG D 144 -20.13 7.18 23.11
N VAL D 145 -20.37 6.54 21.96
CA VAL D 145 -21.34 7.03 20.99
C VAL D 145 -22.45 5.99 20.75
N GLU D 146 -23.69 6.48 20.68
CA GLU D 146 -24.84 5.61 20.45
C GLU D 146 -25.69 6.20 19.33
N VAL D 147 -26.14 5.34 18.42
CA VAL D 147 -26.95 5.79 17.29
C VAL D 147 -28.22 4.94 17.18
N GLU D 148 -29.37 5.59 17.18
CA GLU D 148 -30.66 4.90 17.06
C GLU D 148 -31.46 5.49 15.89
N GLY D 149 -32.34 4.68 15.31
CA GLY D 149 -33.14 5.16 14.20
C GLY D 149 -33.13 4.23 13.00
N GLU D 150 -33.96 4.54 12.01
CA GLU D 150 -34.05 3.73 10.80
C GLU D 150 -32.73 3.69 10.04
N GLU D 151 -31.98 4.79 10.07
CA GLU D 151 -30.70 4.86 9.39
C GLU D 151 -29.54 4.81 10.37
N ALA D 152 -29.77 4.14 11.50
CA ALA D 152 -28.75 4.01 12.53
C ALA D 152 -27.47 3.35 12.01
N GLU D 153 -27.63 2.32 11.19
CA GLU D 153 -26.47 1.61 10.65
C GLU D 153 -25.54 2.48 9.82
N ARG D 154 -26.06 3.12 8.79
CA ARG D 154 -25.23 3.96 7.94
C ARG D 154 -24.63 5.17 8.67
N TRP D 155 -25.42 5.82 9.52
CA TRP D 155 -24.88 6.96 10.24
C TRP D 155 -23.81 6.52 11.25
N PHE D 156 -24.03 5.37 11.87
CA PHE D 156 -23.08 4.82 12.83
C PHE D 156 -21.74 4.56 12.13
N GLU D 157 -21.80 4.00 10.93
CA GLU D 157 -20.59 3.71 10.17
C GLU D 157 -19.95 4.98 9.64
N ARG D 158 -20.76 6.00 9.34
CA ARG D 158 -20.23 7.27 8.86
C ARG D 158 -19.36 7.85 9.97
N ILE D 159 -19.85 7.72 11.20
CA ILE D 159 -19.12 8.20 12.37
C ILE D 159 -17.84 7.38 12.52
N ALA D 160 -17.93 6.07 12.32
CA ALA D 160 -16.75 5.22 12.45
C ALA D 160 -15.70 5.61 11.42
N PHE D 161 -16.15 5.97 10.22
CA PHE D 161 -15.23 6.37 9.16
C PHE D 161 -14.53 7.66 9.57
N ALA D 162 -15.30 8.61 10.08
CA ALA D 162 -14.76 9.89 10.52
C ALA D 162 -13.76 9.70 11.65
N ALA D 163 -14.11 8.83 12.60
CA ALA D 163 -13.25 8.56 13.74
C ALA D 163 -11.98 7.81 13.36
N SER D 164 -12.05 6.99 12.31
CA SER D 164 -10.89 6.22 11.87
C SER D 164 -9.77 7.16 11.42
N ARG D 165 -10.16 8.32 10.91
CA ARG D 165 -9.21 9.31 10.44
C ARG D 165 -8.26 9.75 11.56
#